data_7X3E
#
_entry.id   7X3E
#
_cell.length_a   1.00
_cell.length_b   1.00
_cell.length_c   1.00
_cell.angle_alpha   90.00
_cell.angle_beta   90.00
_cell.angle_gamma   90.00
#
_symmetry.space_group_name_H-M   'P 1'
#
loop_
_entity.id
_entity.type
_entity.pdbx_description
1 polymer 'Virion protein 1'
2 polymer VP2
3 polymer VP3
4 polymer 'Capsid protein VP4'
5 polymer '9A3 heavy chain'
6 polymer '9A3 light chain'
#
loop_
_entity_poly.entity_id
_entity_poly.type
_entity_poly.pdbx_seq_one_letter_code
_entity_poly.pdbx_strand_id
1 'polypeptide(L)'
;GPVEESVDRAVARVADTISSRPTNSESIPALTAAETGHTSQVVPSDTMQTRHVKNYHSRSESSIENFLCRSACVYYATYT
NNSKKGFAEWVINTRQVAQLRRKLELFTYLRFDLELTFVITSAQQPSTASSVDAPVQTHQIMYVPPGGPVPTKVKDYAWQ
TSTNPSVFWTEGNAPPRMSIPFISIGNAYSCFYDGWTQFSRNGVYGINTLNNMGTLYMRHVNEAGQGPIKSTVRIYFKPK
HVKAWVPRPPRLCQYEKQKNVNFSPIGVTTSRTDIITT
;
A
2 'polypeptide(L)'
;SPSAEECGYSDRVRSITLGNSTITTQECANVVVGYGVWPEYLKDNEATAEDQPTQPDVATCRFYTLESVQWMKNSAGWWW
KLPDALSQMGLFGQNMQYHYLGRTGYTIHVQCNASKFHQGCLLVVCVPEAEMGCSNLNNTPEFSELSGGDSARMFTDTQV
GESNAKKVQTAVWNAGMGVGVGNLTIFPHQWINLRTNNSATLVMPYINSVPMDNMFRHNNLTLMIIPFVPLNYSEGSSPY
VPITVTIAPMCAEYNGLRLASNQ
;
B
3 'polypeptide(L)'
;GLPVMTTPGSTQFLTSDDFQSPSAMPQFDVTPEMQIPGRVNNLMEIAEVDSVVPVNNTEDNVSSLKAYQIPVQSNSDNGK
QVFGFPLQPGANNVLNRTLLGEILNYYTHWSGSIKLTFMFCGSAMATGKFLLAYSPPGAGVPKNRKDAMLGTHVIWDVGL
QSSCVLCVPWISQTHYRYVVEDEYTAAGYVTCWYQTNIVVPADVQSSCDILCFVSACNDFSVRMLKDTPFIRQDTFYQ
;
C
4 'polypeptide(L)' MGAQVSTQKTGAHETGLNASGNSVIHYTNINYYKDAASNSANRQDFTQDPGKFTEPVKDIMVKTMPALN D
5 'polypeptide(L)'
;EVKLVESGGGLVQPGGSLSLSCAASGFTFTDYYMNWVRQPSGKALEWLGFLRNKANGYTTEYSASVKGRFTISRDNSQSI
LYLQMNALRAEDSATYYCARSRYYGGTYRYALDYWGQGTSVTVS
;
H
6 'polypeptide(L)'
;ENVLTQSPPIMSASPGEKVTMTCRASSSVSSSYLHWYQQKSGASPKLWIYSTSNLASGVPARFSGSGSGTSYSLTISSVE
AEDAATYYCQQFSGYPLTFGAGTKLELK
;
L
#
# COMPACT_ATOMS: atom_id res chain seq x y z
N ALA A 12 -17.03 -6.73 27.68
CA ALA A 12 -17.25 -5.60 26.79
C ALA A 12 -18.24 -5.94 25.70
N ARG A 13 -19.51 -5.68 25.96
CA ARG A 13 -20.55 -5.97 24.99
C ARG A 13 -20.60 -4.88 23.93
N VAL A 14 -21.47 -5.06 22.96
CA VAL A 14 -21.66 -4.10 21.89
C VAL A 14 -23.01 -3.42 22.08
N ALA A 15 -23.26 -2.40 21.27
CA ALA A 15 -24.45 -1.57 21.44
C ALA A 15 -25.67 -2.26 20.86
N ASP A 16 -26.77 -2.22 21.59
CA ASP A 16 -28.01 -2.85 21.16
C ASP A 16 -28.82 -1.90 20.30
N THR A 17 -29.63 -2.47 19.43
CA THR A 17 -30.41 -1.68 18.48
C THR A 17 -31.75 -1.30 19.09
N ILE A 18 -32.01 0.00 19.20
CA ILE A 18 -33.27 0.46 19.74
C ILE A 18 -34.34 0.43 18.64
N SER A 19 -35.59 0.51 19.06
CA SER A 19 -36.69 0.51 18.11
C SER A 19 -36.78 1.84 17.39
N SER A 20 -37.61 1.88 16.36
CA SER A 20 -37.77 3.07 15.56
C SER A 20 -39.23 3.12 15.15
N ARG A 21 -39.61 4.23 14.55
CA ARG A 21 -40.95 4.49 14.05
C ARG A 21 -40.82 5.24 12.75
N PRO A 22 -41.83 5.20 11.88
CA PRO A 22 -41.79 6.03 10.68
C PRO A 22 -41.77 7.53 10.92
N THR A 23 -40.84 8.22 10.27
CA THR A 23 -40.68 9.65 10.46
C THR A 23 -40.90 10.41 9.17
N ASN A 24 -41.19 11.70 9.31
CA ASN A 24 -41.24 12.65 8.21
C ASN A 24 -40.89 14.01 8.83
N SER A 25 -39.63 14.39 8.73
CA SER A 25 -39.17 15.58 9.43
C SER A 25 -37.97 16.16 8.70
N GLU A 26 -37.40 17.20 9.30
CA GLU A 26 -36.30 17.94 8.70
C GLU A 26 -34.94 17.41 9.10
N SER A 27 -34.89 16.34 9.88
CA SER A 27 -33.61 15.80 10.35
C SER A 27 -33.14 14.75 9.36
N ILE A 28 -31.93 14.93 8.83
CA ILE A 28 -31.38 14.00 7.85
C ILE A 28 -30.14 13.30 8.40
N PRO A 29 -30.29 12.07 8.89
CA PRO A 29 -29.11 11.32 9.33
C PRO A 29 -28.34 10.71 8.19
N ALA A 30 -28.95 10.48 7.04
CA ALA A 30 -28.24 9.83 5.95
C ALA A 30 -27.35 10.80 5.19
N LEU A 31 -27.88 11.95 4.80
CA LEU A 31 -27.15 12.93 4.01
C LEU A 31 -26.08 13.58 4.88
N THR A 32 -24.83 13.33 4.56
CA THR A 32 -23.70 13.91 5.26
C THR A 32 -22.71 14.48 4.25
N ALA A 33 -21.54 14.86 4.75
CA ALA A 33 -20.43 15.29 3.92
C ALA A 33 -19.19 14.55 4.40
N ALA A 34 -18.63 13.71 3.55
CA ALA A 34 -17.44 12.96 3.92
C ALA A 34 -16.14 13.66 3.49
N GLU A 35 -16.22 14.91 3.04
CA GLU A 35 -15.01 15.65 2.75
C GLU A 35 -14.28 16.07 4.00
N THR A 36 -14.96 16.08 5.15
CA THR A 36 -14.35 16.56 6.37
C THR A 36 -13.42 15.55 7.02
N GLY A 37 -13.22 14.39 6.42
CA GLY A 37 -12.34 13.40 7.00
C GLY A 37 -12.95 12.78 8.25
N HIS A 38 -14.26 12.71 8.25
CA HIS A 38 -15.02 12.29 9.41
C HIS A 38 -16.02 11.24 8.96
N THR A 39 -15.81 10.00 9.36
CA THR A 39 -16.75 8.95 9.01
C THR A 39 -18.03 9.10 9.84
N SER A 40 -19.14 8.71 9.26
CA SER A 40 -20.43 8.93 9.90
C SER A 40 -20.64 7.94 11.03
N GLN A 41 -21.42 8.34 12.02
CA GLN A 41 -21.76 7.48 13.14
C GLN A 41 -23.19 6.97 13.03
N VAL A 42 -23.63 6.68 11.82
CA VAL A 42 -25.02 6.33 11.57
C VAL A 42 -25.29 4.91 12.04
N VAL A 43 -26.40 4.73 12.74
CA VAL A 43 -26.87 3.46 13.26
C VAL A 43 -28.00 3.01 12.34
N PRO A 44 -28.12 1.70 12.08
CA PRO A 44 -29.21 1.21 11.20
C PRO A 44 -30.62 1.48 11.69
N SER A 45 -30.82 1.97 12.91
CA SER A 45 -32.14 2.38 13.36
C SER A 45 -32.48 3.80 12.95
N ASP A 46 -31.76 4.38 11.98
CA ASP A 46 -32.03 5.73 11.53
C ASP A 46 -32.54 5.80 10.11
N THR A 47 -32.29 4.80 9.27
CA THR A 47 -32.70 4.83 7.89
C THR A 47 -33.85 3.88 7.58
N MET A 48 -34.30 3.09 8.55
CA MET A 48 -35.37 2.13 8.33
C MET A 48 -36.11 1.93 9.65
N GLN A 49 -37.00 0.96 9.67
CA GLN A 49 -37.72 0.61 10.88
C GLN A 49 -37.13 -0.67 11.45
N THR A 50 -36.63 -0.61 12.67
CA THR A 50 -36.04 -1.76 13.33
C THR A 50 -36.83 -2.11 14.58
N ARG A 51 -36.50 -3.28 15.13
CA ARG A 51 -37.07 -3.77 16.37
C ARG A 51 -36.03 -3.64 17.48
N HIS A 52 -36.49 -3.69 18.72
CA HIS A 52 -35.57 -3.58 19.85
C HIS A 52 -34.95 -4.94 20.13
N VAL A 53 -33.69 -5.12 19.74
CA VAL A 53 -32.99 -6.38 19.93
C VAL A 53 -31.87 -6.14 20.93
N LYS A 54 -31.50 -7.18 21.67
CA LYS A 54 -30.40 -7.10 22.62
C LYS A 54 -29.22 -7.88 22.07
N ASN A 55 -28.07 -7.23 21.95
CA ASN A 55 -26.86 -7.89 21.50
C ASN A 55 -26.10 -8.41 22.70
N TYR A 56 -25.74 -9.68 22.66
CA TYR A 56 -24.91 -10.29 23.69
C TYR A 56 -23.52 -10.59 23.18
N HIS A 57 -23.18 -10.16 21.97
CA HIS A 57 -21.87 -10.42 21.42
C HIS A 57 -20.82 -9.59 22.14
N SER A 58 -19.57 -10.01 22.01
CA SER A 58 -18.48 -9.35 22.70
C SER A 58 -17.30 -9.18 21.78
N ARG A 59 -16.49 -8.17 22.06
CA ARG A 59 -15.28 -7.88 21.30
C ARG A 59 -14.04 -8.32 22.06
N SER A 60 -14.09 -9.47 22.70
CA SER A 60 -12.95 -9.92 23.48
C SER A 60 -11.81 -10.43 22.59
N GLU A 61 -12.12 -11.13 21.51
CA GLU A 61 -11.07 -11.70 20.69
C GLU A 61 -10.46 -10.68 19.73
N SER A 62 -11.06 -9.50 19.63
CA SER A 62 -10.52 -8.48 18.73
C SER A 62 -9.71 -7.46 19.49
N SER A 63 -9.35 -7.75 20.73
CA SER A 63 -8.47 -6.87 21.48
C SER A 63 -7.04 -7.06 21.01
N ILE A 64 -6.13 -6.23 21.51
CA ILE A 64 -4.75 -6.30 21.04
C ILE A 64 -4.04 -7.52 21.61
N GLU A 65 -4.18 -7.75 22.92
CA GLU A 65 -3.41 -8.82 23.55
C GLU A 65 -3.88 -10.20 23.12
N ASN A 66 -5.16 -10.35 22.78
CA ASN A 66 -5.61 -11.63 22.23
C ASN A 66 -5.28 -11.78 20.76
N PHE A 67 -4.82 -10.72 20.11
CA PHE A 67 -4.47 -10.76 18.70
C PHE A 67 -3.00 -11.08 18.48
N LEU A 68 -2.13 -10.67 19.38
CA LEU A 68 -0.71 -10.83 19.14
C LEU A 68 -0.05 -11.90 19.99
N CYS A 69 -0.61 -12.23 21.16
CA CYS A 69 0.04 -13.17 22.08
C CYS A 69 -0.25 -14.60 21.62
N ARG A 70 0.43 -14.99 20.53
CA ARG A 70 0.38 -16.33 19.99
C ARG A 70 1.77 -16.66 19.45
N SER A 71 2.20 -17.90 19.65
CA SER A 71 3.56 -18.26 19.29
C SER A 71 3.70 -18.47 17.78
N ALA A 72 4.84 -18.04 17.24
CA ALA A 72 5.09 -18.18 15.81
C ALA A 72 6.58 -18.29 15.58
N CYS A 73 6.97 -19.15 14.64
CA CYS A 73 8.38 -19.40 14.36
C CYS A 73 9.00 -18.22 13.63
N VAL A 74 10.27 -17.97 13.88
CA VAL A 74 10.94 -16.85 13.24
C VAL A 74 12.15 -17.28 12.42
N TYR A 75 12.78 -18.39 12.80
CA TYR A 75 14.04 -18.80 12.18
C TYR A 75 14.35 -20.22 12.62
N TYR A 76 15.08 -20.94 11.76
CA TYR A 76 15.60 -22.23 12.18
C TYR A 76 16.91 -22.53 11.47
N ALA A 77 17.87 -23.05 12.22
CA ALA A 77 19.22 -23.27 11.73
C ALA A 77 19.66 -24.68 12.07
N THR A 78 20.58 -25.22 11.29
CA THR A 78 21.11 -26.55 11.50
C THR A 78 22.59 -26.49 11.86
N TYR A 79 23.06 -27.52 12.56
CA TYR A 79 24.47 -27.62 12.88
C TYR A 79 24.82 -29.08 13.07
N THR A 80 26.04 -29.43 12.67
CA THR A 80 26.48 -30.81 12.60
C THR A 80 27.40 -31.11 13.77
N ASN A 81 27.25 -32.29 14.35
CA ASN A 81 28.03 -32.67 15.52
C ASN A 81 29.50 -32.92 15.16
N ASN A 82 29.76 -33.92 14.33
CA ASN A 82 31.13 -34.33 14.04
C ASN A 82 31.67 -33.52 12.87
N SER A 83 31.91 -32.23 13.13
CA SER A 83 32.48 -31.37 12.12
C SER A 83 33.23 -30.14 12.61
N LYS A 84 34.07 -29.59 11.74
CA LYS A 84 34.49 -28.20 11.97
C LYS A 84 33.48 -27.22 11.45
N LYS A 85 33.45 -26.01 12.02
CA LYS A 85 32.30 -25.06 11.96
C LYS A 85 30.80 -25.50 12.09
N GLY A 86 30.67 -26.51 12.93
CA GLY A 86 29.36 -26.92 13.36
C GLY A 86 28.79 -26.28 14.60
N PHE A 87 28.21 -25.10 14.43
CA PHE A 87 27.52 -24.32 15.46
C PHE A 87 26.80 -23.19 14.76
N ALA A 88 25.61 -22.87 15.24
CA ALA A 88 24.74 -21.94 14.52
C ALA A 88 24.73 -20.59 15.21
N GLU A 89 24.33 -19.57 14.45
CA GLU A 89 24.21 -18.24 15.00
C GLU A 89 23.11 -17.49 14.26
N TRP A 90 22.59 -16.46 14.91
CA TRP A 90 21.44 -15.75 14.38
C TRP A 90 21.36 -14.41 15.07
N VAL A 91 21.41 -13.32 14.30
CA VAL A 91 21.07 -12.02 14.86
C VAL A 91 19.56 -11.97 15.04
N ILE A 92 19.11 -11.34 16.11
CA ILE A 92 17.71 -11.41 16.49
C ILE A 92 16.95 -10.28 15.82
N ASN A 93 16.01 -10.65 14.95
CA ASN A 93 15.14 -9.69 14.26
C ASN A 93 13.93 -10.46 13.75
N THR A 94 12.82 -9.75 13.65
CA THR A 94 11.55 -10.37 13.29
C THR A 94 11.17 -10.11 11.85
N ARG A 95 12.15 -10.06 10.95
CA ARG A 95 11.87 -9.72 9.56
C ARG A 95 12.35 -10.80 8.61
N GLN A 96 12.41 -12.05 9.07
CA GLN A 96 12.81 -13.14 8.22
C GLN A 96 11.68 -14.12 7.93
N VAL A 97 10.49 -13.87 8.45
CA VAL A 97 9.32 -14.66 8.10
C VAL A 97 8.31 -13.72 7.45
N ALA A 98 7.27 -14.31 6.87
CA ALA A 98 6.28 -13.52 6.16
C ALA A 98 4.95 -13.42 6.89
N GLN A 99 4.71 -14.24 7.90
CA GLN A 99 3.43 -14.20 8.60
C GLN A 99 3.48 -13.52 9.95
N LEU A 100 4.66 -13.38 10.54
CA LEU A 100 4.78 -12.53 11.72
C LEU A 100 5.14 -11.10 11.34
N ARG A 101 5.90 -10.92 10.26
CA ARG A 101 6.32 -9.60 9.86
C ARG A 101 5.15 -8.76 9.36
N ARG A 102 4.19 -9.40 8.71
CA ARG A 102 3.01 -8.69 8.25
C ARG A 102 2.12 -8.28 9.40
N LYS A 103 2.10 -9.04 10.49
CA LYS A 103 1.25 -8.70 11.61
C LYS A 103 1.83 -7.55 12.42
N LEU A 104 3.15 -7.49 12.53
CA LEU A 104 3.76 -6.42 13.32
C LEU A 104 3.78 -5.10 12.57
N GLU A 105 3.68 -5.13 11.24
CA GLU A 105 3.66 -3.92 10.45
C GLU A 105 2.27 -3.31 10.33
N LEU A 106 1.32 -3.76 11.12
CA LEU A 106 0.07 -3.04 11.25
C LEU A 106 0.17 -1.85 12.16
N PHE A 107 1.15 -1.83 13.05
CA PHE A 107 1.37 -0.72 13.95
C PHE A 107 2.76 -0.17 13.76
N THR A 108 2.92 1.11 14.07
CA THR A 108 4.21 1.74 13.86
C THR A 108 5.13 1.54 15.07
N TYR A 109 4.62 1.78 16.28
CA TYR A 109 5.41 1.64 17.49
C TYR A 109 4.79 0.60 18.40
N LEU A 110 5.61 -0.30 18.93
CA LEU A 110 5.17 -1.38 19.78
C LEU A 110 6.01 -1.42 21.05
N ARG A 111 5.52 -2.19 22.02
CA ARG A 111 6.22 -2.32 23.30
C ARG A 111 5.73 -3.60 23.95
N PHE A 112 6.59 -4.61 24.05
CA PHE A 112 6.15 -5.89 24.58
C PHE A 112 7.31 -6.63 25.24
N ASP A 113 6.97 -7.63 26.03
CA ASP A 113 7.92 -8.60 26.53
C ASP A 113 7.97 -9.78 25.57
N LEU A 114 8.70 -10.82 25.93
CA LEU A 114 8.73 -12.03 25.12
C LEU A 114 8.66 -13.27 25.99
N GLU A 115 8.38 -14.40 25.34
CA GLU A 115 8.54 -15.72 25.92
C GLU A 115 9.15 -16.60 24.83
N LEU A 116 10.48 -16.66 24.83
CA LEU A 116 11.22 -17.33 23.80
C LEU A 116 11.18 -18.83 24.04
N THR A 117 10.89 -19.60 23.00
CA THR A 117 10.74 -21.04 23.16
C THR A 117 11.41 -21.77 22.00
N PHE A 118 12.21 -22.77 22.32
CA PHE A 118 13.02 -23.48 21.36
C PHE A 118 12.52 -24.91 21.23
N VAL A 119 12.52 -25.43 20.02
CA VAL A 119 12.14 -26.81 19.75
C VAL A 119 13.31 -27.44 19.01
N ILE A 120 14.02 -28.36 19.66
CA ILE A 120 15.26 -28.90 19.14
C ILE A 120 15.05 -30.34 18.72
N THR A 121 15.30 -30.65 17.46
CA THR A 121 15.20 -31.99 16.93
C THR A 121 16.58 -32.52 16.59
N SER A 122 16.62 -33.71 16.01
CA SER A 122 17.88 -34.36 15.70
C SER A 122 17.66 -35.42 14.63
N ALA A 123 18.73 -35.75 13.92
CA ALA A 123 18.66 -36.73 12.84
C ALA A 123 20.04 -37.32 12.60
N GLN A 124 20.11 -38.63 12.51
CA GLN A 124 21.39 -39.31 12.32
C GLN A 124 21.86 -39.16 10.89
N GLN A 125 23.13 -38.86 10.74
CA GLN A 125 23.80 -38.71 9.46
C GLN A 125 24.34 -40.05 8.99
N PRO A 126 24.60 -40.22 7.68
CA PRO A 126 25.12 -41.51 7.20
C PRO A 126 26.56 -41.79 7.58
N SER A 127 26.75 -42.35 8.77
CA SER A 127 28.07 -42.78 9.23
C SER A 127 28.50 -44.06 8.50
N THR A 128 29.73 -44.49 8.77
CA THR A 128 30.27 -45.70 8.15
C THR A 128 30.59 -46.82 9.13
N ALA A 129 30.81 -46.51 10.40
CA ALA A 129 31.17 -47.56 11.35
C ALA A 129 29.94 -48.33 11.79
N SER A 130 30.17 -49.51 12.36
CA SER A 130 29.11 -50.39 12.81
C SER A 130 28.99 -50.32 14.31
N SER A 131 27.84 -50.80 14.81
CA SER A 131 27.44 -50.79 16.22
C SER A 131 27.52 -49.39 16.81
N VAL A 132 26.74 -48.50 16.22
CA VAL A 132 26.66 -47.11 16.66
C VAL A 132 25.63 -47.02 17.76
N ASP A 133 26.07 -46.65 18.96
CA ASP A 133 25.19 -46.48 20.10
C ASP A 133 25.47 -45.10 20.65
N ALA A 134 24.46 -44.24 20.64
CA ALA A 134 24.70 -42.91 21.15
C ALA A 134 23.93 -42.69 22.44
N PRO A 135 24.49 -41.99 23.40
CA PRO A 135 23.74 -41.55 24.57
C PRO A 135 22.88 -40.34 24.19
N VAL A 136 22.17 -39.83 25.20
CA VAL A 136 21.30 -38.67 24.98
C VAL A 136 22.15 -37.44 24.77
N GLN A 137 21.70 -36.56 23.88
CA GLN A 137 22.48 -35.39 23.51
C GLN A 137 22.14 -34.22 24.41
N THR A 138 23.05 -33.27 24.48
CA THR A 138 22.86 -32.07 25.27
C THR A 138 23.16 -30.85 24.42
N HIS A 139 22.30 -29.84 24.51
CA HIS A 139 22.42 -28.67 23.67
C HIS A 139 22.56 -27.44 24.55
N GLN A 140 23.22 -26.43 24.01
CA GLN A 140 23.43 -25.18 24.74
C GLN A 140 23.06 -24.02 23.85
N ILE A 141 22.20 -23.14 24.34
CA ILE A 141 21.77 -21.96 23.62
C ILE A 141 22.28 -20.76 24.38
N MET A 142 23.23 -20.04 23.80
CA MET A 142 23.87 -18.91 24.44
C MET A 142 23.38 -17.62 23.84
N TYR A 143 23.06 -16.65 24.69
CA TYR A 143 22.57 -15.35 24.26
C TYR A 143 23.66 -14.33 24.54
N VAL A 144 24.03 -13.56 23.52
CA VAL A 144 25.10 -12.58 23.65
C VAL A 144 24.48 -11.19 23.49
N PRO A 145 24.55 -10.33 24.50
CA PRO A 145 24.09 -8.95 24.36
C PRO A 145 24.96 -8.19 23.39
N PRO A 146 24.44 -7.09 22.79
CA PRO A 146 25.19 -6.43 21.72
C PRO A 146 26.47 -5.75 22.17
N GLY A 147 27.61 -6.33 21.81
CA GLY A 147 28.88 -5.75 22.13
C GLY A 147 29.87 -6.73 22.71
N GLY A 148 29.38 -7.80 23.34
CA GLY A 148 30.21 -8.72 24.05
C GLY A 148 31.03 -9.58 23.11
N PRO A 149 31.93 -10.38 23.69
CA PRO A 149 32.78 -11.23 22.86
C PRO A 149 32.02 -12.43 22.32
N VAL A 150 32.35 -12.81 21.10
CA VAL A 150 31.62 -13.88 20.42
C VAL A 150 32.53 -15.08 20.29
N PRO A 151 32.00 -16.28 20.41
CA PRO A 151 32.86 -17.45 20.29
C PRO A 151 33.09 -17.74 18.86
N THR A 152 34.20 -18.34 18.49
CA THR A 152 34.36 -18.64 17.08
C THR A 152 34.68 -20.04 16.75
N LYS A 153 34.66 -20.90 17.73
CA LYS A 153 34.93 -22.28 17.45
C LYS A 153 34.10 -23.09 18.38
N VAL A 154 33.82 -24.32 18.02
CA VAL A 154 33.02 -25.10 18.90
C VAL A 154 33.63 -25.34 20.24
N LYS A 155 34.94 -25.57 20.30
CA LYS A 155 35.56 -25.83 21.58
C LYS A 155 36.29 -24.75 22.32
N ASP A 156 36.36 -23.52 21.85
CA ASP A 156 37.17 -22.54 22.57
C ASP A 156 36.58 -22.10 23.88
N TYR A 157 37.36 -21.44 24.72
CA TYR A 157 36.87 -21.06 26.02
C TYR A 157 36.08 -19.80 26.16
N ALA A 158 35.41 -19.38 25.12
CA ALA A 158 34.54 -18.25 25.22
C ALA A 158 33.14 -18.72 25.51
N TRP A 159 32.92 -20.03 25.58
CA TRP A 159 31.63 -20.61 25.80
C TRP A 159 31.48 -20.77 27.27
N GLN A 160 32.33 -20.18 28.08
CA GLN A 160 32.12 -20.32 29.49
C GLN A 160 31.10 -19.46 30.29
N THR A 161 30.41 -18.59 29.55
CA THR A 161 29.21 -17.83 29.89
C THR A 161 29.41 -17.30 31.30
N SER A 162 30.46 -16.49 31.45
CA SER A 162 30.78 -15.91 32.75
C SER A 162 29.70 -14.95 33.22
N THR A 163 29.05 -14.26 32.29
CA THR A 163 27.89 -13.44 32.61
C THR A 163 26.73 -13.60 31.66
N ASN A 164 26.93 -14.18 30.48
CA ASN A 164 25.86 -14.27 29.50
C ASN A 164 24.86 -15.35 29.90
N PRO A 165 23.57 -15.06 29.86
CA PRO A 165 22.58 -16.07 30.22
C PRO A 165 22.43 -17.10 29.12
N SER A 166 22.46 -18.36 29.53
CA SER A 166 22.42 -19.46 28.59
C SER A 166 21.80 -20.66 29.26
N VAL A 167 21.04 -21.43 28.49
CA VAL A 167 20.31 -22.57 29.03
C VAL A 167 20.88 -23.85 28.44
N PHE A 168 20.82 -24.91 29.22
CA PHE A 168 21.24 -26.24 28.78
C PHE A 168 20.01 -27.12 28.72
N TRP A 169 20.05 -28.11 27.83
CA TRP A 169 18.87 -28.92 27.60
C TRP A 169 19.29 -30.26 27.06
N THR A 170 18.73 -31.33 27.59
CA THR A 170 18.96 -32.67 27.08
C THR A 170 17.73 -33.09 26.30
N GLU A 171 17.90 -34.03 25.38
CA GLU A 171 16.76 -34.44 24.57
C GLU A 171 15.82 -35.34 25.35
N GLY A 172 14.55 -35.28 25.01
CA GLY A 172 13.54 -36.11 25.63
C GLY A 172 12.69 -35.41 26.66
N ASN A 173 13.05 -34.21 27.09
CA ASN A 173 12.29 -33.50 28.09
C ASN A 173 11.43 -32.45 27.43
N ALA A 174 10.77 -31.64 28.25
CA ALA A 174 9.95 -30.56 27.74
C ALA A 174 10.83 -29.50 27.10
N PRO A 175 10.31 -28.76 26.11
CA PRO A 175 11.14 -27.76 25.43
C PRO A 175 11.47 -26.60 26.34
N PRO A 176 12.65 -26.00 26.19
CA PRO A 176 13.06 -24.93 27.10
C PRO A 176 12.34 -23.64 26.79
N ARG A 177 12.30 -22.75 27.78
CA ARG A 177 11.53 -21.53 27.67
C ARG A 177 12.10 -20.49 28.63
N MET A 178 12.26 -19.26 28.14
CA MET A 178 12.74 -18.18 28.97
C MET A 178 11.97 -16.93 28.58
N SER A 179 11.98 -15.93 29.46
CA SER A 179 11.26 -14.69 29.25
C SER A 179 12.21 -13.51 29.31
N ILE A 180 12.01 -12.55 28.42
CA ILE A 180 12.90 -11.41 28.27
C ILE A 180 12.09 -10.13 28.35
N PRO A 181 12.44 -9.18 29.21
CA PRO A 181 11.66 -7.94 29.28
C PRO A 181 11.96 -7.00 28.12
N PHE A 182 11.37 -5.81 28.17
CA PHE A 182 11.47 -4.83 27.08
C PHE A 182 12.86 -4.22 27.08
N ILE A 183 13.73 -4.74 26.21
CA ILE A 183 15.13 -4.30 26.16
C ILE A 183 15.32 -3.33 24.98
N SER A 184 15.12 -2.06 25.25
CA SER A 184 15.36 -1.08 24.19
C SER A 184 15.86 0.21 24.79
N ILE A 185 16.37 1.07 23.94
CA ILE A 185 16.84 2.38 24.36
C ILE A 185 15.70 3.37 24.40
N GLY A 186 15.01 3.54 23.29
CA GLY A 186 13.86 4.42 23.25
C GLY A 186 12.66 3.81 23.93
N ASN A 187 11.55 4.53 23.84
CA ASN A 187 10.35 4.13 24.57
C ASN A 187 9.53 3.08 23.84
N ALA A 188 9.89 2.72 22.61
CA ALA A 188 9.09 1.78 21.84
C ALA A 188 9.93 1.19 20.72
N TYR A 189 9.66 -0.07 20.39
CA TYR A 189 10.27 -0.69 19.22
C TYR A 189 9.72 -0.01 17.99
N SER A 190 10.54 0.77 17.31
CA SER A 190 10.09 1.43 16.10
C SER A 190 10.12 0.44 14.95
N CYS A 191 8.96 0.15 14.37
CA CYS A 191 8.91 -0.80 13.27
C CYS A 191 9.34 -0.18 11.96
N PHE A 192 9.33 1.14 11.85
CA PHE A 192 9.77 1.84 10.66
C PHE A 192 10.62 3.03 11.07
N TYR A 193 11.61 3.34 10.25
CA TYR A 193 12.50 4.46 10.54
C TYR A 193 12.84 5.13 9.22
N ASP A 194 12.17 6.25 8.94
CA ASP A 194 12.44 7.00 7.72
C ASP A 194 13.57 7.97 7.99
N GLY A 195 14.78 7.52 7.70
CA GLY A 195 15.92 8.39 7.89
C GLY A 195 17.19 7.58 7.89
N TRP A 196 18.29 8.28 7.71
CA TRP A 196 19.59 7.65 7.62
C TRP A 196 20.14 7.41 9.01
N THR A 197 21.39 6.98 9.07
CA THR A 197 22.03 6.75 10.36
C THR A 197 23.18 7.70 10.63
N GLN A 198 23.67 8.40 9.61
CA GLN A 198 24.77 9.33 9.77
C GLN A 198 24.31 10.72 9.35
N PHE A 199 24.92 11.74 9.95
CA PHE A 199 24.49 13.10 9.75
C PHE A 199 24.83 13.66 8.39
N SER A 200 25.65 12.96 7.61
CA SER A 200 25.97 13.37 6.26
C SER A 200 25.00 12.82 5.24
N ARG A 201 24.02 12.02 5.68
CA ARG A 201 22.99 11.40 4.85
C ARG A 201 23.60 10.54 3.73
N ASN A 202 24.45 9.61 4.11
CA ASN A 202 25.09 8.73 3.15
C ASN A 202 24.95 7.28 3.57
N GLY A 203 24.89 6.41 2.58
CA GLY A 203 25.00 4.99 2.86
C GLY A 203 23.69 4.39 3.33
N VAL A 204 23.67 4.00 4.60
CA VAL A 204 22.59 3.17 5.11
C VAL A 204 21.31 3.99 5.26
N TYR A 205 20.21 3.43 4.77
CA TYR A 205 18.92 4.08 4.86
C TYR A 205 17.87 3.07 5.30
N GLY A 206 17.14 3.41 6.36
CA GLY A 206 15.98 2.62 6.74
C GLY A 206 16.13 1.99 8.10
N ILE A 207 15.33 0.95 8.34
CA ILE A 207 15.08 0.40 9.67
C ILE A 207 16.32 -0.22 10.31
N ASN A 208 17.29 -0.67 9.53
CA ASN A 208 18.43 -1.44 10.05
C ASN A 208 19.41 -0.63 10.89
N THR A 209 19.17 0.67 11.11
CA THR A 209 19.99 1.41 12.04
C THR A 209 19.50 1.31 13.47
N LEU A 210 18.29 0.83 13.69
CA LEU A 210 17.78 0.64 15.04
C LEU A 210 17.91 -0.80 15.51
N ASN A 211 18.12 -1.74 14.61
CA ASN A 211 18.15 -3.15 14.97
C ASN A 211 19.47 -3.49 15.63
N ASN A 212 19.47 -3.54 16.95
CA ASN A 212 20.61 -4.09 17.68
C ASN A 212 20.03 -4.70 18.96
N MET A 213 19.70 -5.99 18.89
CA MET A 213 19.12 -6.70 20.02
C MET A 213 19.92 -7.91 20.47
N GLY A 214 21.06 -8.19 19.84
CA GLY A 214 21.92 -9.25 20.29
C GLY A 214 21.79 -10.45 19.40
N THR A 215 22.69 -11.41 19.59
CA THR A 215 22.73 -12.60 18.75
C THR A 215 22.39 -13.80 19.61
N LEU A 216 22.54 -14.99 19.03
CA LEU A 216 22.07 -16.21 19.67
C LEU A 216 22.87 -17.37 19.15
N TYR A 217 23.69 -17.98 19.99
CA TYR A 217 24.61 -19.03 19.57
C TYR A 217 24.16 -20.39 20.10
N MET A 218 24.24 -21.41 19.24
CA MET A 218 23.83 -22.76 19.56
C MET A 218 24.94 -23.74 19.21
N ARG A 219 25.09 -24.79 20.03
CA ARG A 219 26.11 -25.80 19.79
C ARG A 219 25.76 -27.06 20.57
N HIS A 220 26.42 -28.15 20.19
CA HIS A 220 26.30 -29.40 20.94
C HIS A 220 27.19 -29.32 22.17
N VAL A 221 26.94 -30.22 23.12
CA VAL A 221 27.82 -30.29 24.28
C VAL A 221 28.67 -31.56 24.24
N ASN A 222 28.12 -32.67 23.76
CA ASN A 222 28.85 -33.92 23.69
C ASN A 222 29.95 -33.87 22.63
N GLU A 223 30.83 -34.85 22.68
CA GLU A 223 31.95 -34.90 21.77
C GLU A 223 31.60 -35.73 20.54
N ALA A 224 32.61 -36.09 19.78
CA ALA A 224 32.44 -36.84 18.53
C ALA A 224 32.61 -38.32 18.82
N GLY A 225 31.52 -38.99 19.20
CA GLY A 225 31.66 -40.37 19.59
C GLY A 225 31.90 -41.36 18.47
N GLN A 226 30.86 -41.72 17.71
CA GLN A 226 31.02 -42.71 16.65
C GLN A 226 30.21 -42.42 15.40
N GLY A 227 29.37 -41.38 15.39
CA GLY A 227 28.49 -41.15 14.27
C GLY A 227 27.93 -39.74 14.27
N PRO A 228 28.01 -39.07 13.12
CA PRO A 228 27.60 -37.67 13.06
C PRO A 228 26.10 -37.48 13.21
N ILE A 229 25.73 -36.36 13.83
CA ILE A 229 24.35 -36.03 14.14
C ILE A 229 24.12 -34.59 13.71
N LYS A 230 23.11 -34.37 12.89
CA LYS A 230 22.77 -33.04 12.40
C LYS A 230 21.48 -32.59 13.07
N SER A 231 21.58 -31.60 13.94
CA SER A 231 20.42 -31.13 14.68
C SER A 231 19.79 -29.95 13.97
N THR A 232 18.69 -29.45 14.55
CA THR A 232 17.93 -28.33 13.97
C THR A 232 17.12 -27.72 15.09
N VAL A 233 17.25 -26.42 15.30
CA VAL A 233 16.56 -25.71 16.37
C VAL A 233 15.66 -24.66 15.77
N ARG A 234 14.40 -24.64 16.17
CA ARG A 234 13.46 -23.62 15.76
C ARG A 234 13.13 -22.71 16.93
N ILE A 235 12.97 -21.42 16.66
CA ILE A 235 12.79 -20.41 17.70
C ILE A 235 11.39 -19.85 17.58
N TYR A 236 10.73 -19.62 18.71
CA TYR A 236 9.35 -19.16 18.72
C TYR A 236 9.22 -17.91 19.60
N PHE A 237 8.65 -16.86 19.03
CA PHE A 237 8.38 -15.62 19.75
C PHE A 237 7.00 -15.67 20.37
N LYS A 238 6.78 -14.87 21.39
CA LYS A 238 5.46 -14.74 22.02
C LYS A 238 5.39 -13.41 22.76
N PRO A 239 4.81 -12.38 22.15
CA PRO A 239 4.77 -11.06 22.80
C PRO A 239 3.72 -11.02 23.91
N LYS A 240 4.11 -10.48 25.06
CA LYS A 240 3.18 -10.27 26.16
C LYS A 240 3.17 -8.80 26.57
N HIS A 241 2.06 -8.41 27.22
CA HIS A 241 1.85 -7.06 27.75
C HIS A 241 1.98 -6.00 26.66
N VAL A 242 1.34 -6.24 25.54
CA VAL A 242 1.59 -5.47 24.33
C VAL A 242 0.83 -4.15 24.40
N LYS A 243 1.49 -3.07 23.98
CA LYS A 243 0.83 -1.82 23.65
C LYS A 243 1.14 -1.48 22.20
N ALA A 244 0.24 -0.75 21.56
CA ALA A 244 0.44 -0.42 20.15
C ALA A 244 0.03 1.01 19.89
N TRP A 245 0.73 1.68 18.99
CA TRP A 245 0.45 3.05 18.64
C TRP A 245 0.49 3.21 17.13
N VAL A 246 -0.26 4.18 16.63
CA VAL A 246 -0.25 4.66 15.24
C VAL A 246 -0.48 3.53 14.24
N PRO A 247 -1.72 3.10 14.02
CA PRO A 247 -1.99 2.02 13.07
C PRO A 247 -1.67 2.40 11.64
N ARG A 248 -1.68 1.40 10.77
CA ARG A 248 -1.01 1.47 9.47
C ARG A 248 -1.77 0.59 8.50
N PRO A 249 -1.81 0.94 7.21
CA PRO A 249 -2.41 0.04 6.23
C PRO A 249 -1.57 -1.21 6.06
N PRO A 250 -2.19 -2.34 5.77
CA PRO A 250 -1.45 -3.59 5.68
C PRO A 250 -0.71 -3.71 4.36
N ARG A 251 0.33 -4.53 4.38
CA ARG A 251 1.21 -4.68 3.22
C ARG A 251 0.52 -5.46 2.12
N LEU A 252 0.63 -4.97 0.88
CA LEU A 252 -0.02 -5.60 -0.26
C LEU A 252 0.94 -6.43 -1.10
N CYS A 253 2.01 -5.83 -1.59
CA CYS A 253 2.96 -6.56 -2.41
C CYS A 253 3.85 -7.44 -1.56
N GLN A 254 4.50 -8.41 -2.19
CA GLN A 254 5.31 -9.36 -1.46
C GLN A 254 6.60 -8.72 -0.97
N TYR A 255 7.14 -9.27 0.11
CA TYR A 255 8.42 -8.83 0.61
C TYR A 255 9.52 -9.36 -0.29
N GLU A 256 10.65 -8.66 -0.33
CA GLU A 256 11.77 -9.12 -1.11
C GLU A 256 13.06 -9.16 -0.32
N LYS A 257 13.28 -8.22 0.58
CA LYS A 257 14.50 -8.18 1.36
C LYS A 257 14.19 -8.15 2.84
N GLN A 258 15.22 -8.37 3.65
CA GLN A 258 15.06 -8.36 5.08
C GLN A 258 15.31 -6.98 5.66
N LYS A 259 16.29 -6.26 5.13
CA LYS A 259 16.73 -5.02 5.74
C LYS A 259 15.90 -3.81 5.34
N ASN A 260 15.01 -3.93 4.36
CA ASN A 260 14.29 -2.75 3.89
C ASN A 260 12.92 -3.18 3.40
N VAL A 261 12.25 -2.27 2.68
CA VAL A 261 10.86 -2.48 2.29
C VAL A 261 10.70 -2.51 0.78
N ASN A 262 11.77 -2.91 0.08
CA ASN A 262 11.77 -2.92 -1.37
C ASN A 262 10.77 -3.92 -1.90
N PHE A 263 10.17 -3.59 -3.05
CA PHE A 263 9.06 -4.38 -3.56
C PHE A 263 9.00 -4.21 -5.07
N SER A 264 8.08 -4.96 -5.67
CA SER A 264 7.78 -4.85 -7.08
C SER A 264 6.30 -4.54 -7.24
N PRO A 265 5.93 -3.65 -8.16
CA PRO A 265 4.55 -3.17 -8.20
C PRO A 265 3.59 -4.20 -8.73
N ILE A 266 2.43 -4.27 -8.09
CA ILE A 266 1.41 -5.26 -8.39
C ILE A 266 0.07 -4.56 -8.38
N GLY A 267 -0.94 -5.21 -8.98
CA GLY A 267 -2.26 -4.63 -9.03
C GLY A 267 -2.92 -4.56 -7.67
N VAL A 268 -3.98 -3.76 -7.60
CA VAL A 268 -4.62 -3.51 -6.31
C VAL A 268 -5.39 -4.73 -5.85
N THR A 269 -6.30 -5.24 -6.67
CA THR A 269 -6.98 -6.49 -6.39
C THR A 269 -6.86 -7.40 -7.61
N THR A 270 -7.34 -8.63 -7.46
CA THR A 270 -7.59 -9.43 -8.64
C THR A 270 -8.86 -8.95 -9.32
N SER A 271 -9.04 -9.37 -10.56
CA SER A 271 -9.96 -8.71 -11.47
C SER A 271 -11.17 -9.57 -11.76
N ARG A 272 -12.32 -8.93 -11.94
CA ARG A 272 -13.51 -9.57 -12.45
C ARG A 272 -13.75 -9.12 -13.88
N THR A 273 -14.87 -9.54 -14.46
CA THR A 273 -15.07 -9.38 -15.89
C THR A 273 -15.79 -8.10 -16.28
N ASP A 274 -16.61 -7.54 -15.41
CA ASP A 274 -17.36 -6.33 -15.72
C ASP A 274 -17.74 -5.68 -14.39
N ILE A 275 -18.41 -4.53 -14.47
CA ILE A 275 -18.78 -3.81 -13.27
C ILE A 275 -20.12 -4.28 -12.71
N ILE A 276 -20.92 -5.00 -13.48
CA ILE A 276 -22.23 -5.46 -13.00
C ILE A 276 -22.26 -6.94 -12.69
N THR A 277 -21.26 -7.71 -13.10
CA THR A 277 -21.34 -9.15 -12.90
C THR A 277 -21.03 -9.49 -11.45
N THR A 278 -21.95 -10.20 -10.82
CA THR A 278 -21.82 -10.58 -9.43
C THR A 278 -20.97 -11.83 -9.29
N SER B 10 -22.32 30.63 10.33
CA SER B 10 -22.00 29.68 9.28
C SER B 10 -20.80 28.81 9.65
N ASP B 11 -20.72 27.64 9.04
CA ASP B 11 -19.63 26.71 9.27
C ASP B 11 -18.71 26.61 8.05
N ARG B 12 -18.43 27.73 7.39
CA ARG B 12 -17.65 27.71 6.16
C ARG B 12 -16.53 28.74 6.16
N VAL B 13 -16.26 29.39 7.28
CA VAL B 13 -15.22 30.40 7.35
C VAL B 13 -14.33 30.12 8.56
N ARG B 14 -13.04 30.09 8.34
CA ARG B 14 -12.05 30.03 9.41
C ARG B 14 -11.13 31.22 9.29
N SER B 15 -10.39 31.48 10.36
CA SER B 15 -9.39 32.53 10.34
C SER B 15 -8.29 32.12 11.31
N ILE B 16 -7.25 31.53 10.78
CA ILE B 16 -6.12 31.08 11.57
C ILE B 16 -5.10 32.19 11.64
N THR B 17 -4.72 32.57 12.86
CA THR B 17 -3.67 33.56 13.06
C THR B 17 -2.53 32.93 13.84
N LEU B 18 -1.31 33.20 13.41
CA LEU B 18 -0.13 32.62 14.02
C LEU B 18 1.02 33.59 13.82
N GLY B 19 1.58 34.09 14.91
CA GLY B 19 2.70 34.99 14.82
C GLY B 19 2.34 36.31 14.17
N ASN B 20 2.78 36.50 12.95
CA ASN B 20 2.45 37.68 12.16
C ASN B 20 1.89 37.31 10.79
N SER B 21 1.14 36.22 10.71
CA SER B 21 0.52 35.82 9.45
C SER B 21 -0.87 35.33 9.72
N THR B 22 -1.72 35.41 8.71
CA THR B 22 -3.14 35.11 8.88
C THR B 22 -3.65 34.44 7.63
N ILE B 23 -4.34 33.31 7.79
CA ILE B 23 -4.91 32.57 6.67
C ILE B 23 -6.42 32.62 6.81
N THR B 24 -7.09 33.15 5.80
CA THR B 24 -8.53 33.22 5.80
C THR B 24 -9.10 32.45 4.61
N THR B 25 -10.26 31.84 4.82
CA THR B 25 -10.94 31.07 3.78
C THR B 25 -12.43 31.33 3.85
N GLN B 26 -13.05 31.43 2.68
CA GLN B 26 -14.48 31.65 2.60
C GLN B 26 -15.26 30.38 2.31
N GLU B 27 -14.59 29.30 1.97
CA GLU B 27 -15.29 28.06 1.64
C GLU B 27 -14.34 26.92 2.00
N CYS B 28 -14.55 26.33 3.16
CA CYS B 28 -13.69 25.27 3.64
C CYS B 28 -14.46 24.34 4.56
N ALA B 29 -13.89 23.18 4.78
CA ALA B 29 -14.49 22.15 5.63
C ALA B 29 -14.03 22.37 7.07
N ASN B 30 -14.22 21.38 7.93
CA ASN B 30 -13.80 21.48 9.31
C ASN B 30 -12.28 21.29 9.42
N VAL B 31 -11.75 21.30 10.63
CA VAL B 31 -10.32 21.23 10.87
C VAL B 31 -10.01 19.91 11.55
N VAL B 32 -9.34 19.01 10.85
CA VAL B 32 -8.98 17.71 11.40
C VAL B 32 -7.75 17.88 12.27
N VAL B 33 -7.87 17.55 13.55
CA VAL B 33 -6.78 17.71 14.50
C VAL B 33 -6.27 16.32 14.88
N GLY B 34 -5.13 15.95 14.28
CA GLY B 34 -4.29 14.81 14.63
C GLY B 34 -4.94 13.49 14.94
N TYR B 35 -4.53 12.89 16.04
CA TYR B 35 -5.19 11.72 16.59
C TYR B 35 -6.00 12.09 17.81
N GLY B 36 -6.58 13.28 17.79
CA GLY B 36 -7.39 13.75 18.89
C GLY B 36 -6.65 14.58 19.92
N VAL B 37 -5.43 15.00 19.65
CA VAL B 37 -4.62 15.75 20.61
C VAL B 37 -4.02 16.96 19.90
N TRP B 38 -4.06 18.11 20.56
CA TRP B 38 -3.52 19.41 20.22
C TRP B 38 -2.03 19.44 20.55
N PRO B 39 -1.21 20.15 19.77
CA PRO B 39 0.23 20.17 20.05
C PRO B 39 0.55 21.02 21.27
N GLU B 40 1.34 20.47 22.18
CA GLU B 40 1.72 21.16 23.40
C GLU B 40 3.21 21.06 23.60
N TYR B 41 3.70 21.76 24.62
CA TYR B 41 5.12 21.74 24.95
C TYR B 41 5.48 20.44 25.65
N LEU B 42 6.77 20.27 25.89
CA LEU B 42 7.26 19.06 26.55
C LEU B 42 7.16 19.22 28.06
N LYS B 43 6.56 18.25 28.72
CA LYS B 43 6.42 18.31 30.16
C LYS B 43 7.72 17.86 30.83
N ASP B 44 7.73 17.94 32.16
CA ASP B 44 8.89 17.53 32.93
C ASP B 44 8.84 16.08 33.34
N ASN B 45 7.80 15.34 32.96
CA ASN B 45 7.76 13.92 33.27
C ASN B 45 8.43 13.11 32.18
N GLU B 46 8.40 13.62 30.95
CA GLU B 46 8.95 12.91 29.81
C GLU B 46 10.28 13.49 29.33
N ALA B 47 10.80 14.50 30.02
CA ALA B 47 12.02 15.15 29.57
C ALA B 47 13.23 14.26 29.81
N THR B 48 14.18 14.30 28.89
CA THR B 48 15.41 13.56 29.03
C THR B 48 16.67 14.38 28.85
N ALA B 49 16.57 15.61 28.33
CA ALA B 49 17.74 16.45 28.17
C ALA B 49 18.17 16.99 29.52
N GLU B 50 19.43 17.42 29.59
CA GLU B 50 19.97 17.80 30.88
C GLU B 50 20.05 19.32 31.01
N ASP B 51 19.40 20.06 30.13
CA ASP B 51 19.64 21.50 30.08
C ASP B 51 18.43 22.25 29.53
N GLN B 52 18.55 23.56 29.51
CA GLN B 52 17.41 24.43 29.23
C GLN B 52 17.09 24.43 27.74
N PRO B 53 15.82 24.28 27.37
CA PRO B 53 15.45 24.37 25.97
C PRO B 53 15.13 25.80 25.56
N THR B 54 15.33 26.07 24.28
CA THR B 54 15.10 27.39 23.70
C THR B 54 13.78 27.41 22.96
N GLN B 55 12.88 28.31 23.38
CA GLN B 55 11.56 28.43 22.75
C GLN B 55 11.43 29.81 22.13
N PRO B 56 11.62 29.94 20.83
CA PRO B 56 11.52 31.25 20.19
C PRO B 56 10.09 31.77 20.11
N ASP B 57 9.19 30.89 19.69
CA ASP B 57 7.73 30.91 19.80
C ASP B 57 7.00 32.02 19.06
N VAL B 58 7.70 32.99 18.47
CA VAL B 58 7.09 33.89 17.51
C VAL B 58 7.87 33.94 16.21
N ALA B 59 9.17 33.73 16.23
CA ALA B 59 9.97 33.80 15.02
C ALA B 59 9.86 32.52 14.20
N THR B 60 9.41 31.43 14.80
CA THR B 60 9.23 30.18 14.07
C THR B 60 7.78 29.86 13.79
N CYS B 61 6.89 30.08 14.75
CA CYS B 61 5.48 29.72 14.59
C CYS B 61 4.79 30.75 13.71
N ARG B 62 4.96 30.59 12.40
CA ARG B 62 4.27 31.41 11.43
C ARG B 62 4.08 30.58 10.17
N PHE B 63 3.31 31.09 9.23
CA PHE B 63 2.91 30.32 8.06
C PHE B 63 3.94 30.50 6.95
N TYR B 64 4.76 29.48 6.71
CA TYR B 64 5.65 29.49 5.57
C TYR B 64 4.92 28.88 4.38
N THR B 65 5.15 29.44 3.20
CA THR B 65 4.47 29.00 1.98
C THR B 65 5.46 28.34 1.05
N LEU B 66 5.19 27.09 0.69
CA LEU B 66 6.10 26.32 -0.16
C LEU B 66 5.86 26.68 -1.62
N GLU B 67 6.41 25.89 -2.52
CA GLU B 67 6.35 26.17 -3.95
C GLU B 67 5.11 25.56 -4.58
N SER B 68 4.53 26.29 -5.53
CA SER B 68 3.32 25.87 -6.22
C SER B 68 3.62 24.73 -7.17
N VAL B 69 2.64 23.86 -7.38
CA VAL B 69 2.71 22.83 -8.40
C VAL B 69 1.47 22.90 -9.26
N GLN B 70 1.61 22.48 -10.51
CA GLN B 70 0.52 22.59 -11.47
C GLN B 70 -0.23 21.29 -11.60
N TRP B 71 -1.54 21.36 -11.45
CA TRP B 71 -2.41 20.18 -11.59
C TRP B 71 -2.74 20.04 -13.06
N MET B 72 -2.02 19.16 -13.75
CA MET B 72 -2.29 18.91 -15.15
C MET B 72 -3.46 17.94 -15.29
N LYS B 73 -3.83 17.67 -16.54
CA LYS B 73 -5.04 16.90 -16.80
C LYS B 73 -4.85 15.42 -16.46
N ASN B 74 -3.64 14.90 -16.60
CA ASN B 74 -3.34 13.53 -16.19
C ASN B 74 -2.11 13.56 -15.31
N SER B 75 -2.28 13.92 -14.06
CA SER B 75 -1.19 13.99 -13.11
C SER B 75 -1.20 12.74 -12.26
N ALA B 76 -0.22 12.62 -11.39
CA ALA B 76 -0.10 11.41 -10.60
C ALA B 76 -0.13 11.67 -9.11
N GLY B 77 0.62 12.65 -8.62
CA GLY B 77 0.66 12.92 -7.20
C GLY B 77 1.95 13.62 -6.83
N TRP B 78 2.01 14.05 -5.57
CA TRP B 78 3.18 14.76 -5.07
C TRP B 78 3.41 14.36 -3.62
N TRP B 79 4.63 14.56 -3.14
CA TRP B 79 4.93 14.38 -1.72
C TRP B 79 6.07 15.29 -1.34
N TRP B 80 6.18 15.61 -0.05
CA TRP B 80 7.04 16.72 0.35
C TRP B 80 8.10 16.38 1.41
N LYS B 81 7.91 15.35 2.23
CA LYS B 81 8.85 14.93 3.28
C LYS B 81 9.14 16.06 4.27
N LEU B 82 8.12 16.36 5.07
CA LEU B 82 7.95 17.65 5.74
C LEU B 82 9.12 18.25 6.53
N PRO B 83 9.75 17.56 7.51
CA PRO B 83 10.57 18.31 8.48
C PRO B 83 11.87 18.88 7.94
N ASP B 84 12.23 18.60 6.69
CA ASP B 84 13.32 19.32 6.04
C ASP B 84 12.89 19.97 4.74
N ALA B 85 11.57 20.13 4.54
CA ALA B 85 11.12 21.03 3.50
C ALA B 85 11.32 22.48 3.93
N LEU B 86 11.28 22.72 5.25
CA LEU B 86 11.51 24.04 5.79
C LEU B 86 12.96 24.26 6.19
N SER B 87 13.91 23.57 5.56
CA SER B 87 15.29 23.64 5.98
C SER B 87 15.95 24.95 5.60
N GLN B 88 15.40 25.64 4.61
CA GLN B 88 15.97 26.89 4.14
C GLN B 88 14.98 28.04 4.29
N MET B 89 14.05 27.93 5.23
CA MET B 89 12.92 28.85 5.31
C MET B 89 13.05 29.69 6.57
N GLY B 90 13.79 30.79 6.47
CA GLY B 90 13.73 31.80 7.51
C GLY B 90 14.44 31.35 8.77
N LEU B 91 13.87 31.73 9.91
CA LEU B 91 14.48 31.42 11.19
C LEU B 91 14.18 30.02 11.69
N PHE B 92 13.30 29.30 11.01
CA PHE B 92 13.17 27.88 11.32
C PHE B 92 14.33 27.09 10.74
N GLY B 93 14.85 27.51 9.61
CA GLY B 93 15.98 26.84 9.03
C GLY B 93 17.31 27.24 9.61
N GLN B 94 17.32 28.24 10.49
CA GLN B 94 18.54 28.63 11.17
C GLN B 94 18.68 27.99 12.53
N ASN B 95 17.57 27.75 13.22
CA ASN B 95 17.68 27.02 14.48
C ASN B 95 17.84 25.53 14.25
N MET B 96 17.47 25.02 13.09
CA MET B 96 17.69 23.61 12.80
C MET B 96 19.16 23.28 12.61
N GLN B 97 19.95 24.23 12.15
CA GLN B 97 21.37 23.99 11.93
C GLN B 97 22.20 24.16 13.19
N TYR B 98 21.91 25.16 14.00
CA TYR B 98 22.74 25.42 15.16
C TYR B 98 22.40 24.54 16.35
N HIS B 99 21.29 23.81 16.33
CA HIS B 99 20.90 22.99 17.45
C HIS B 99 21.00 21.52 17.09
N TYR B 100 21.01 20.68 18.12
CA TYR B 100 21.14 19.24 17.94
C TYR B 100 19.81 18.52 18.00
N LEU B 101 18.93 18.89 18.91
CA LEU B 101 17.64 18.24 19.06
C LEU B 101 16.53 19.17 18.59
N GLY B 102 15.29 18.75 18.81
CA GLY B 102 14.17 19.61 18.51
C GLY B 102 12.87 18.88 18.27
N ARG B 103 11.78 19.40 18.82
CA ARG B 103 10.46 18.84 18.57
C ARG B 103 9.54 19.94 18.09
N THR B 104 8.61 19.58 17.19
CA THR B 104 7.67 20.52 16.61
C THR B 104 6.31 19.85 16.48
N GLY B 105 5.30 20.65 16.19
CA GLY B 105 4.04 20.16 15.68
C GLY B 105 3.57 21.08 14.58
N TYR B 106 2.97 20.51 13.55
CA TYR B 106 2.74 21.27 12.34
C TYR B 106 1.27 21.63 12.19
N THR B 107 1.00 22.51 11.23
CA THR B 107 -0.36 22.92 10.88
C THR B 107 -0.40 23.07 9.36
N ILE B 108 -0.74 21.99 8.69
CA ILE B 108 -0.70 21.94 7.24
C ILE B 108 -1.98 22.53 6.69
N HIS B 109 -1.88 23.32 5.61
CA HIS B 109 -3.03 23.96 5.00
C HIS B 109 -2.85 23.96 3.49
N VAL B 110 -3.46 22.99 2.81
CA VAL B 110 -3.36 22.88 1.36
C VAL B 110 -4.56 23.57 0.73
N GLN B 111 -4.30 24.45 -0.24
CA GLN B 111 -5.37 25.24 -0.84
C GLN B 111 -5.31 25.12 -2.36
N CYS B 112 -6.48 25.02 -2.98
CA CYS B 112 -6.58 24.89 -4.43
C CYS B 112 -7.98 25.29 -4.84
N ASN B 113 -8.10 26.30 -5.68
CA ASN B 113 -9.40 26.83 -6.05
C ASN B 113 -9.66 26.64 -7.53
N ALA B 114 -10.93 26.49 -7.88
CA ALA B 114 -11.35 26.35 -9.26
C ALA B 114 -12.72 26.97 -9.40
N SER B 115 -13.22 27.00 -10.62
CA SER B 115 -14.52 27.59 -10.89
C SER B 115 -15.60 26.56 -10.57
N LYS B 116 -16.83 26.87 -10.94
CA LYS B 116 -17.93 25.93 -10.76
C LYS B 116 -18.18 25.09 -11.98
N PHE B 117 -17.22 25.02 -12.90
CA PHE B 117 -17.38 24.22 -14.10
C PHE B 117 -16.29 23.18 -14.23
N HIS B 118 -15.26 23.22 -13.40
CA HIS B 118 -14.24 22.19 -13.35
C HIS B 118 -14.73 21.06 -12.46
N GLN B 119 -13.98 19.96 -12.47
CA GLN B 119 -14.30 18.84 -11.60
C GLN B 119 -13.01 18.13 -11.24
N GLY B 120 -13.01 17.47 -10.08
CA GLY B 120 -11.83 16.77 -9.64
C GLY B 120 -11.91 16.56 -8.14
N CYS B 121 -10.97 15.75 -7.65
CA CYS B 121 -10.96 15.41 -6.24
C CYS B 121 -9.56 15.00 -5.83
N LEU B 122 -9.07 15.58 -4.74
CA LEU B 122 -7.74 15.27 -4.21
C LEU B 122 -7.88 14.56 -2.88
N LEU B 123 -6.79 13.94 -2.46
CA LEU B 123 -6.70 13.31 -1.14
C LEU B 123 -5.45 13.84 -0.46
N VAL B 124 -5.62 14.45 0.70
CA VAL B 124 -4.53 15.12 1.40
C VAL B 124 -4.28 14.37 2.69
N VAL B 125 -3.32 13.44 2.70
CA VAL B 125 -2.99 12.71 3.90
C VAL B 125 -1.70 13.27 4.48
N CYS B 126 -1.36 12.84 5.69
CA CYS B 126 -0.12 13.24 6.34
C CYS B 126 0.37 12.03 7.12
N VAL B 127 1.21 11.21 6.50
CA VAL B 127 1.58 9.91 7.03
C VAL B 127 2.81 10.09 7.91
N PRO B 128 2.92 9.40 9.04
CA PRO B 128 4.16 9.41 9.80
C PRO B 128 5.02 8.20 9.47
N GLU B 129 6.33 8.45 9.40
CA GLU B 129 7.36 7.43 9.16
C GLU B 129 7.11 6.67 7.87
N ALA B 130 7.21 7.38 6.75
CA ALA B 130 6.97 6.79 5.44
C ALA B 130 8.30 6.31 4.87
N GLU B 131 8.51 5.01 4.92
CA GLU B 131 9.67 4.43 4.26
C GLU B 131 9.34 4.21 2.79
N MET B 132 10.21 4.66 1.90
CA MET B 132 10.00 4.47 0.48
C MET B 132 10.87 3.33 -0.03
N GLY B 133 10.45 2.74 -1.15
CA GLY B 133 11.15 1.61 -1.73
C GLY B 133 11.93 2.02 -2.97
N CYS B 134 13.10 1.40 -3.14
CA CYS B 134 13.96 1.75 -4.25
C CYS B 134 13.54 0.99 -5.51
N SER B 135 14.04 1.47 -6.64
CA SER B 135 13.71 0.83 -7.91
C SER B 135 14.44 -0.48 -8.05
N ASN B 136 15.77 -0.45 -7.95
CA ASN B 136 16.52 -1.69 -7.83
C ASN B 136 16.23 -2.33 -6.50
N LEU B 137 16.30 -3.66 -6.45
CA LEU B 137 15.85 -4.35 -5.24
C LEU B 137 16.86 -4.24 -4.11
N ASN B 138 18.15 -4.35 -4.41
CA ASN B 138 19.13 -4.39 -3.35
C ASN B 138 19.49 -3.01 -2.84
N ASN B 139 19.34 -1.99 -3.66
CA ASN B 139 19.76 -0.65 -3.29
C ASN B 139 18.66 0.03 -2.49
N THR B 140 18.98 1.25 -2.05
CA THR B 140 18.12 2.14 -1.30
C THR B 140 18.20 3.52 -1.94
N PRO B 141 17.13 4.30 -1.93
CA PRO B 141 17.15 5.59 -2.64
C PRO B 141 18.03 6.59 -1.93
N GLU B 142 18.62 7.48 -2.73
CA GLU B 142 19.55 8.45 -2.20
C GLU B 142 18.80 9.62 -1.56
N PHE B 143 19.54 10.63 -1.14
CA PHE B 143 18.89 11.76 -0.49
C PHE B 143 18.20 12.66 -1.49
N SER B 144 18.81 12.87 -2.65
CA SER B 144 18.27 13.81 -3.63
C SER B 144 16.97 13.34 -4.24
N GLU B 145 16.73 12.03 -4.27
CA GLU B 145 15.51 11.52 -4.87
C GLU B 145 14.39 11.32 -3.88
N LEU B 146 14.67 11.40 -2.58
CA LEU B 146 13.61 11.25 -1.60
C LEU B 146 12.90 12.57 -1.35
N SER B 147 13.67 13.62 -1.09
CA SER B 147 13.10 14.91 -0.72
C SER B 147 13.78 15.99 -1.52
N GLY B 148 12.99 16.95 -2.00
CA GLY B 148 13.53 18.15 -2.61
C GLY B 148 13.42 19.29 -1.61
N GLY B 149 14.37 20.23 -1.72
CA GLY B 149 14.28 21.45 -0.95
C GLY B 149 13.10 22.27 -1.43
N ASP B 150 12.06 22.33 -0.59
CA ASP B 150 10.77 23.02 -0.76
C ASP B 150 10.13 22.86 -2.14
N SER B 151 10.34 21.72 -2.78
CA SER B 151 9.78 21.43 -4.09
C SER B 151 9.27 20.00 -4.10
N ALA B 152 8.14 19.80 -4.75
CA ALA B 152 7.48 18.50 -4.69
C ALA B 152 8.18 17.49 -5.59
N ARG B 153 8.24 16.25 -5.13
CA ARG B 153 8.62 15.13 -5.97
C ARG B 153 7.36 14.48 -6.48
N MET B 154 7.35 14.11 -7.76
CA MET B 154 6.13 13.67 -8.40
C MET B 154 6.05 12.15 -8.47
N PHE B 155 4.84 11.64 -8.37
CA PHE B 155 4.58 10.23 -8.65
C PHE B 155 4.54 9.99 -10.15
N THR B 156 4.37 8.75 -10.56
CA THR B 156 4.32 8.40 -11.98
C THR B 156 3.26 7.34 -12.22
N ASP B 157 2.42 7.56 -13.22
CA ASP B 157 1.37 6.61 -13.53
C ASP B 157 1.88 5.34 -14.18
N THR B 158 3.11 5.34 -14.67
CA THR B 158 3.78 4.11 -15.06
C THR B 158 4.83 3.77 -14.01
N GLN B 159 5.31 2.54 -14.04
CA GLN B 159 6.22 2.08 -12.99
C GLN B 159 7.65 2.33 -13.42
N VAL B 160 8.53 2.49 -12.43
CA VAL B 160 9.93 2.79 -12.67
C VAL B 160 10.67 1.49 -12.86
N GLY B 161 11.53 1.43 -13.89
CA GLY B 161 12.23 0.22 -14.22
C GLY B 161 13.27 -0.15 -13.18
N GLU B 162 13.57 -1.44 -13.12
CA GLU B 162 14.53 -1.97 -12.16
C GLU B 162 15.97 -1.67 -12.56
N SER B 163 16.19 -1.22 -13.78
CA SER B 163 17.54 -1.00 -14.26
C SER B 163 18.17 0.26 -13.67
N ASN B 164 17.36 1.17 -13.15
CA ASN B 164 17.88 2.34 -12.47
C ASN B 164 18.53 1.95 -11.15
N ALA B 165 19.61 2.63 -10.79
CA ALA B 165 20.37 2.22 -9.63
C ALA B 165 19.71 2.64 -8.33
N LYS B 166 19.59 3.96 -8.11
CA LYS B 166 19.05 4.50 -6.87
C LYS B 166 17.94 5.48 -7.23
N LYS B 167 16.71 4.98 -7.35
CA LYS B 167 15.57 5.82 -7.67
C LYS B 167 14.36 5.29 -6.92
N VAL B 168 13.48 6.20 -6.53
CA VAL B 168 12.31 5.83 -5.74
C VAL B 168 11.29 5.18 -6.66
N GLN B 169 10.75 4.04 -6.25
CA GLN B 169 9.68 3.40 -6.99
C GLN B 169 8.42 4.22 -6.83
N THR B 170 7.95 4.84 -7.92
CA THR B 170 6.88 5.81 -7.81
C THR B 170 5.64 5.40 -8.60
N ALA B 171 5.22 4.15 -8.47
CA ALA B 171 3.92 3.75 -8.99
C ALA B 171 2.84 4.20 -8.01
N VAL B 172 1.79 4.83 -8.54
CA VAL B 172 0.84 5.52 -7.68
C VAL B 172 -0.05 4.54 -6.95
N TRP B 173 -0.41 3.44 -7.60
CA TRP B 173 -1.35 2.51 -6.98
C TRP B 173 -0.74 1.69 -5.86
N ASN B 174 0.55 1.81 -5.60
CA ASN B 174 1.14 1.25 -4.40
C ASN B 174 1.71 2.30 -3.47
N ALA B 175 1.65 3.57 -3.86
CA ALA B 175 2.00 4.74 -3.06
C ALA B 175 3.45 4.72 -2.57
N GLY B 176 4.34 4.01 -3.26
CA GLY B 176 5.74 4.00 -2.94
C GLY B 176 6.13 3.22 -1.69
N MET B 177 5.17 2.82 -0.86
CA MET B 177 5.47 2.15 0.40
C MET B 177 5.06 0.69 0.42
N GLY B 178 4.38 0.21 -0.61
CA GLY B 178 3.96 -1.18 -0.68
C GLY B 178 2.51 -1.42 -0.32
N VAL B 179 1.85 -0.47 0.33
CA VAL B 179 0.48 -0.65 0.74
C VAL B 179 -0.44 -0.31 -0.43
N GLY B 180 -1.71 -0.69 -0.31
CA GLY B 180 -2.68 -0.23 -1.27
C GLY B 180 -2.97 1.24 -1.10
N VAL B 181 -3.20 1.93 -2.23
CA VAL B 181 -3.38 3.36 -2.17
C VAL B 181 -4.77 3.72 -1.63
N GLY B 182 -5.74 2.83 -1.75
CA GLY B 182 -7.05 3.10 -1.23
C GLY B 182 -7.15 3.05 0.28
N ASN B 183 -6.25 2.32 0.92
CA ASN B 183 -6.28 2.15 2.36
C ASN B 183 -5.56 3.26 3.10
N LEU B 184 -5.23 4.36 2.43
CA LEU B 184 -4.47 5.41 3.08
C LEU B 184 -5.32 6.30 3.98
N THR B 185 -6.62 6.05 4.08
CA THR B 185 -7.49 6.94 4.82
C THR B 185 -7.45 6.71 6.31
N ILE B 186 -6.68 5.76 6.81
CA ILE B 186 -6.60 5.54 8.25
C ILE B 186 -5.78 6.63 8.91
N PHE B 187 -4.82 7.21 8.20
CA PHE B 187 -4.11 8.38 8.68
C PHE B 187 -5.04 9.60 8.68
N PRO B 188 -4.70 10.66 9.41
CA PRO B 188 -5.51 11.88 9.34
C PRO B 188 -5.45 12.50 7.96
N HIS B 189 -6.61 12.89 7.44
CA HIS B 189 -6.73 13.19 6.03
C HIS B 189 -7.98 14.02 5.78
N GLN B 190 -7.99 14.74 4.67
CA GLN B 190 -9.15 15.47 4.21
C GLN B 190 -9.19 15.42 2.70
N TRP B 191 -10.38 15.63 2.15
CA TRP B 191 -10.58 15.61 0.71
C TRP B 191 -10.83 17.01 0.20
N ILE B 192 -10.08 17.42 -0.82
CA ILE B 192 -10.40 18.66 -1.50
C ILE B 192 -11.26 18.30 -2.69
N ASN B 193 -12.57 18.34 -2.50
CA ASN B 193 -13.53 18.11 -3.56
C ASN B 193 -13.88 19.46 -4.17
N LEU B 194 -13.63 19.62 -5.46
CA LEU B 194 -13.83 20.92 -6.09
C LEU B 194 -15.30 21.28 -6.26
N ARG B 195 -16.20 20.36 -5.98
CA ARG B 195 -17.61 20.70 -5.96
C ARG B 195 -17.98 21.56 -4.75
N THR B 196 -17.50 21.18 -3.57
CA THR B 196 -17.89 21.85 -2.33
C THR B 196 -16.74 22.51 -1.58
N ASN B 197 -15.51 22.07 -1.77
CA ASN B 197 -14.42 22.48 -0.91
C ASN B 197 -13.41 23.31 -1.68
N ASN B 198 -12.57 24.03 -0.93
CA ASN B 198 -11.49 24.78 -1.51
C ASN B 198 -10.17 24.64 -0.80
N SER B 199 -10.15 24.11 0.42
CA SER B 199 -8.91 24.00 1.17
C SER B 199 -9.06 22.86 2.16
N ALA B 200 -7.93 22.41 2.69
CA ALA B 200 -7.92 21.34 3.67
C ALA B 200 -6.92 21.71 4.75
N THR B 201 -7.28 21.47 5.99
CA THR B 201 -6.46 21.85 7.12
C THR B 201 -6.19 20.63 8.00
N LEU B 202 -4.97 20.52 8.49
CA LEU B 202 -4.61 19.45 9.40
C LEU B 202 -3.76 20.03 10.51
N VAL B 203 -3.91 19.52 11.71
CA VAL B 203 -3.10 19.92 12.84
C VAL B 203 -2.46 18.66 13.39
N MET B 204 -1.16 18.54 13.24
CA MET B 204 -0.50 17.30 13.59
C MET B 204 0.33 17.45 14.85
N PRO B 205 0.17 16.58 15.83
CA PRO B 205 1.06 16.63 17.00
C PRO B 205 2.38 15.96 16.71
N TYR B 206 3.26 15.89 17.70
CA TYR B 206 4.58 15.31 17.53
C TYR B 206 4.49 13.81 17.76
N ILE B 207 4.72 13.03 16.71
CA ILE B 207 4.58 11.58 16.77
C ILE B 207 5.96 10.96 16.59
N ASN B 208 6.55 10.51 17.68
CA ASN B 208 7.85 9.84 17.64
C ASN B 208 8.01 9.01 18.88
N SER B 209 8.92 8.04 18.82
CA SER B 209 9.17 7.15 19.93
C SER B 209 10.17 7.71 20.93
N VAL B 210 10.90 8.75 20.56
CA VAL B 210 11.88 9.39 21.42
C VAL B 210 11.33 10.78 21.68
N PRO B 211 11.41 11.33 22.89
CA PRO B 211 10.77 12.64 23.15
C PRO B 211 11.40 13.80 22.40
N MET B 212 12.63 13.68 21.94
CA MET B 212 13.24 14.72 21.13
C MET B 212 14.11 14.02 20.10
N ASP B 213 14.10 14.52 18.88
CA ASP B 213 14.88 13.87 17.84
C ASP B 213 15.62 14.91 17.02
N ASN B 214 16.67 14.44 16.35
CA ASN B 214 17.41 15.29 15.43
C ASN B 214 16.52 15.65 14.24
N MET B 215 16.81 16.80 13.63
CA MET B 215 15.97 17.28 12.56
C MET B 215 16.56 17.06 11.17
N PHE B 216 17.85 16.72 11.07
CA PHE B 216 18.48 16.65 9.77
C PHE B 216 18.68 15.23 9.27
N ARG B 217 18.62 14.24 10.15
CA ARG B 217 18.78 12.85 9.73
C ARG B 217 17.46 12.10 9.66
N HIS B 218 16.37 12.67 10.17
CA HIS B 218 15.15 11.91 10.39
C HIS B 218 13.95 12.75 9.99
N ASN B 219 13.17 12.25 9.03
CA ASN B 219 12.00 12.95 8.52
C ASN B 219 10.76 12.20 8.99
N ASN B 220 10.17 12.66 10.09
CA ASN B 220 9.11 11.90 10.74
C ASN B 220 7.73 12.18 10.18
N LEU B 221 7.61 12.99 9.13
CA LEU B 221 6.30 13.23 8.54
C LEU B 221 6.44 13.25 7.03
N THR B 222 5.33 13.03 6.35
CA THR B 222 5.30 13.04 4.90
C THR B 222 3.91 13.41 4.44
N LEU B 223 3.79 14.48 3.66
CA LEU B 223 2.50 14.98 3.21
C LEU B 223 2.31 14.57 1.77
N MET B 224 1.31 13.74 1.51
CA MET B 224 1.04 13.22 0.17
C MET B 224 -0.24 13.82 -0.35
N ILE B 225 -0.25 14.17 -1.63
CA ILE B 225 -1.44 14.66 -2.31
C ILE B 225 -1.64 13.79 -3.53
N ILE B 226 -2.78 13.10 -3.60
CA ILE B 226 -3.05 12.14 -4.67
C ILE B 226 -4.38 12.48 -5.35
N PRO B 227 -4.38 12.77 -6.64
CA PRO B 227 -5.64 13.07 -7.34
C PRO B 227 -6.37 11.79 -7.72
N PHE B 228 -7.52 11.55 -7.09
CA PHE B 228 -8.27 10.35 -7.40
C PHE B 228 -9.09 10.53 -8.66
N VAL B 229 -10.05 11.43 -8.65
CA VAL B 229 -10.82 11.78 -9.84
C VAL B 229 -10.06 12.87 -10.57
N PRO B 230 -9.61 12.63 -11.79
CA PRO B 230 -8.68 13.57 -12.44
C PRO B 230 -9.38 14.85 -12.86
N LEU B 231 -8.58 15.90 -13.01
CA LEU B 231 -9.10 17.21 -13.35
C LEU B 231 -9.62 17.23 -14.77
N ASN B 232 -10.88 17.64 -14.92
CA ASN B 232 -11.47 17.67 -16.25
C ASN B 232 -12.32 18.91 -16.39
N TYR B 233 -12.27 19.51 -17.56
CA TYR B 233 -13.03 20.72 -17.83
C TYR B 233 -13.41 20.71 -19.29
N SER B 234 -14.43 21.50 -19.62
CA SER B 234 -14.73 21.68 -21.02
C SER B 234 -13.71 22.63 -21.65
N GLU B 235 -13.69 22.66 -22.97
CA GLU B 235 -12.77 23.52 -23.69
C GLU B 235 -13.29 24.95 -23.59
N GLY B 236 -12.41 25.88 -23.23
CA GLY B 236 -12.80 27.26 -23.09
C GLY B 236 -12.47 27.80 -21.71
N SER B 237 -12.57 26.93 -20.70
CA SER B 237 -12.24 27.34 -19.35
C SER B 237 -10.74 27.42 -19.18
N SER B 238 -10.33 28.06 -18.10
CA SER B 238 -8.91 28.31 -17.87
C SER B 238 -8.20 27.01 -17.50
N PRO B 239 -7.17 26.60 -18.23
CA PRO B 239 -6.60 25.26 -18.04
C PRO B 239 -5.53 25.18 -16.97
N TYR B 240 -5.10 26.29 -16.40
CA TYR B 240 -3.95 26.31 -15.49
C TYR B 240 -4.46 26.44 -14.06
N VAL B 241 -4.51 25.32 -13.34
CA VAL B 241 -4.98 25.28 -11.96
C VAL B 241 -3.80 24.91 -11.07
N PRO B 242 -3.34 25.78 -10.19
CA PRO B 242 -2.21 25.43 -9.34
C PRO B 242 -2.62 24.92 -7.98
N ILE B 243 -1.67 24.38 -7.23
CA ILE B 243 -1.87 23.90 -5.86
C ILE B 243 -0.77 24.48 -5.00
N THR B 244 -1.13 25.11 -3.89
CA THR B 244 -0.15 25.70 -2.99
C THR B 244 -0.30 25.13 -1.60
N VAL B 245 0.82 24.86 -0.96
CA VAL B 245 0.86 24.28 0.37
C VAL B 245 1.42 25.33 1.32
N THR B 246 0.90 25.39 2.53
CA THR B 246 1.34 26.39 3.51
C THR B 246 1.49 25.70 4.86
N ILE B 247 2.71 25.59 5.34
CA ILE B 247 3.04 24.89 6.58
C ILE B 247 3.33 25.91 7.66
N ALA B 248 2.94 25.60 8.89
CA ALA B 248 3.26 26.45 10.04
C ALA B 248 3.61 25.57 11.23
N PRO B 249 4.81 25.65 11.77
CA PRO B 249 5.15 24.88 12.97
C PRO B 249 4.44 25.46 14.18
N MET B 250 4.28 24.63 15.21
CA MET B 250 3.57 25.02 16.41
C MET B 250 4.25 24.40 17.61
N CYS B 251 4.55 25.23 18.61
CA CYS B 251 5.17 24.85 19.87
C CYS B 251 6.51 24.16 19.64
N ALA B 252 7.42 24.89 18.99
CA ALA B 252 8.73 24.36 18.66
C ALA B 252 9.72 24.73 19.75
N GLU B 253 10.56 23.78 20.13
CA GLU B 253 11.65 24.06 21.05
C GLU B 253 12.87 23.26 20.64
N TYR B 254 14.04 23.79 20.94
CA TYR B 254 15.29 23.18 20.52
C TYR B 254 16.19 22.98 21.72
N ASN B 255 17.31 22.30 21.50
CA ASN B 255 18.19 21.94 22.60
C ASN B 255 19.56 21.62 22.05
N GLY B 256 20.56 21.73 22.92
CA GLY B 256 21.90 21.31 22.55
C GLY B 256 22.59 22.19 21.53
N LEU B 257 23.00 23.37 21.93
CA LEU B 257 23.66 24.31 21.03
C LEU B 257 25.06 23.82 20.68
N ARG B 258 25.43 24.00 19.41
CA ARG B 258 26.75 23.60 18.93
C ARG B 258 27.10 24.50 17.74
N LEU B 259 28.12 24.13 16.98
CA LEU B 259 28.53 24.93 15.84
C LEU B 259 27.58 24.67 14.66
N ALA B 260 27.86 25.31 13.53
CA ALA B 260 26.83 25.56 12.53
C ALA B 260 26.45 24.34 11.71
N SER B 261 27.43 23.59 11.22
CA SER B 261 27.25 22.50 10.23
C SER B 261 26.51 22.98 8.98
N GLY C 1 7.95 -34.11 50.16
CA GLY C 1 7.47 -35.45 49.90
C GLY C 1 6.00 -35.48 49.63
N LEU C 2 5.49 -34.39 49.08
CA LEU C 2 4.08 -34.32 48.74
C LEU C 2 3.80 -35.22 47.55
N PRO C 3 2.79 -36.09 47.63
CA PRO C 3 2.51 -37.01 46.52
C PRO C 3 1.70 -36.32 45.44
N VAL C 4 2.22 -36.32 44.22
CA VAL C 4 1.54 -35.73 43.08
C VAL C 4 1.28 -36.82 42.04
N MET C 5 0.64 -36.42 40.95
CA MET C 5 0.34 -37.35 39.86
C MET C 5 0.22 -36.53 38.59
N THR C 6 1.08 -36.79 37.62
CA THR C 6 1.08 -36.02 36.39
C THR C 6 -0.04 -36.48 35.48
N THR C 7 -0.94 -35.57 35.13
CA THR C 7 -2.06 -35.86 34.25
C THR C 7 -1.58 -35.91 32.82
N PRO C 8 -2.40 -36.39 31.88
CA PRO C 8 -2.10 -36.19 30.47
C PRO C 8 -2.07 -34.71 30.11
N GLY C 9 -1.27 -34.41 29.10
CA GLY C 9 -1.01 -33.04 28.74
C GLY C 9 0.30 -32.50 29.26
N SER C 10 1.09 -33.33 29.93
CA SER C 10 2.35 -32.87 30.48
C SER C 10 3.41 -32.83 29.39
N THR C 11 4.36 -31.90 29.55
CA THR C 11 5.55 -31.74 28.71
C THR C 11 5.19 -31.55 27.24
N GLN C 12 4.08 -30.88 26.98
CA GLN C 12 3.70 -30.51 25.62
C GLN C 12 3.89 -29.02 25.44
N PHE C 13 3.96 -28.61 24.19
CA PHE C 13 4.17 -27.22 23.86
C PHE C 13 2.97 -26.76 23.03
N LEU C 14 1.99 -26.18 23.69
CA LEU C 14 0.83 -25.63 23.02
C LEU C 14 1.14 -24.20 22.62
N THR C 15 0.89 -23.85 21.37
CA THR C 15 1.35 -22.57 20.86
C THR C 15 0.49 -21.40 21.31
N SER C 16 -0.63 -21.65 21.97
CA SER C 16 -1.52 -20.59 22.40
C SER C 16 -1.84 -20.68 23.88
N ASP C 17 -0.84 -20.99 24.70
CA ASP C 17 -1.05 -21.13 26.14
C ASP C 17 -0.83 -19.81 26.85
N ASP C 18 -0.87 -19.86 28.18
CA ASP C 18 -0.60 -18.70 29.03
C ASP C 18 -0.07 -19.21 30.38
N PHE C 19 1.26 -19.23 30.50
CA PHE C 19 1.90 -19.69 31.72
C PHE C 19 2.92 -18.66 32.16
N GLN C 20 3.46 -18.86 33.36
CA GLN C 20 4.56 -18.05 33.81
C GLN C 20 5.88 -18.72 33.41
N SER C 21 6.96 -17.94 33.42
CA SER C 21 8.21 -18.45 32.91
C SER C 21 9.33 -17.68 33.57
N PRO C 22 10.47 -18.30 33.87
CA PRO C 22 11.52 -17.58 34.58
C PRO C 22 12.22 -16.58 33.67
N SER C 23 12.54 -15.42 34.24
CA SER C 23 13.14 -14.36 33.45
C SER C 23 14.61 -14.62 33.23
N ALA C 24 15.11 -14.21 32.07
CA ALA C 24 16.53 -14.34 31.76
C ALA C 24 17.35 -13.16 32.25
N MET C 25 16.75 -11.99 32.41
CA MET C 25 17.44 -10.80 32.89
C MET C 25 16.83 -10.40 34.23
N PRO C 26 17.42 -10.82 35.35
CA PRO C 26 16.84 -10.48 36.65
C PRO C 26 17.10 -9.04 37.01
N GLN C 27 16.05 -8.41 37.57
CA GLN C 27 16.07 -7.04 38.07
C GLN C 27 16.43 -6.04 36.97
N PHE C 28 15.88 -6.26 35.80
CA PHE C 28 16.04 -5.30 34.72
C PHE C 28 15.19 -4.06 35.01
N ASP C 29 15.69 -2.91 34.58
CA ASP C 29 15.00 -1.64 34.76
C ASP C 29 14.59 -1.14 33.38
N VAL C 30 13.29 -1.18 33.08
CA VAL C 30 12.84 -0.85 31.75
C VAL C 30 12.80 0.67 31.57
N THR C 31 12.72 1.08 30.32
CA THR C 31 12.61 2.48 29.98
C THR C 31 11.18 2.95 30.26
N PRO C 32 11.00 4.09 30.92
CA PRO C 32 9.65 4.51 31.29
C PRO C 32 8.79 4.88 30.10
N GLU C 33 7.50 4.66 30.25
CA GLU C 33 6.54 4.85 29.18
C GLU C 33 6.28 6.33 28.92
N MET C 34 5.79 6.62 27.72
CA MET C 34 5.55 7.98 27.27
C MET C 34 4.22 8.03 26.54
N GLN C 35 3.53 9.16 26.65
CA GLN C 35 2.22 9.30 26.02
C GLN C 35 2.41 9.60 24.54
N ILE C 36 2.55 8.55 23.75
CA ILE C 36 2.58 8.68 22.29
C ILE C 36 1.13 8.76 21.83
N PRO C 37 0.78 9.70 20.97
CA PRO C 37 -0.61 9.85 20.55
C PRO C 37 -1.08 8.73 19.65
N GLY C 38 -2.37 8.43 19.74
CA GLY C 38 -2.96 7.48 18.83
C GLY C 38 -2.77 6.04 19.26
N ARG C 39 -3.22 5.71 20.45
CA ARG C 39 -3.04 4.36 20.99
C ARG C 39 -4.21 3.48 20.60
N VAL C 40 -3.90 2.34 20.00
CA VAL C 40 -4.91 1.37 19.62
C VAL C 40 -5.15 0.43 20.79
N ASN C 41 -6.38 0.42 21.29
CA ASN C 41 -6.77 -0.47 22.37
C ASN C 41 -7.47 -1.72 21.88
N ASN C 42 -7.92 -1.73 20.64
CA ASN C 42 -8.72 -2.82 20.10
C ASN C 42 -8.66 -2.75 18.59
N LEU C 43 -8.69 -3.91 17.95
CA LEU C 43 -8.63 -3.94 16.50
C LEU C 43 -9.89 -3.46 15.82
N MET C 44 -11.00 -3.35 16.54
CA MET C 44 -12.21 -2.82 15.94
C MET C 44 -12.28 -1.31 16.00
N GLU C 45 -11.22 -0.65 16.42
CA GLU C 45 -11.13 0.78 16.21
C GLU C 45 -10.60 1.08 14.81
N ILE C 46 -9.93 0.11 14.21
CA ILE C 46 -9.40 0.30 12.87
C ILE C 46 -10.49 0.14 11.82
N ALA C 47 -11.33 -0.87 11.96
CA ALA C 47 -12.31 -1.21 10.94
C ALA C 47 -13.58 -0.38 11.03
N GLU C 48 -13.52 0.80 11.64
CA GLU C 48 -14.64 1.74 11.60
C GLU C 48 -14.26 3.02 10.88
N VAL C 49 -13.16 3.02 10.13
CA VAL C 49 -12.80 4.16 9.30
C VAL C 49 -13.09 3.80 7.85
N ASP C 50 -13.17 4.83 7.02
CA ASP C 50 -13.53 4.63 5.63
C ASP C 50 -12.35 4.13 4.82
N SER C 51 -12.65 3.48 3.70
CA SER C 51 -11.64 3.00 2.78
C SER C 51 -12.25 2.90 1.40
N VAL C 52 -11.53 3.39 0.40
CA VAL C 52 -12.11 3.47 -0.93
C VAL C 52 -12.10 2.09 -1.56
N VAL C 53 -13.23 1.69 -2.11
CA VAL C 53 -13.45 0.33 -2.58
C VAL C 53 -13.21 0.30 -4.09
N PRO C 54 -12.39 -0.61 -4.59
CA PRO C 54 -12.18 -0.71 -6.04
C PRO C 54 -13.32 -1.44 -6.76
N VAL C 55 -14.37 -0.70 -7.08
CA VAL C 55 -15.57 -1.30 -7.68
C VAL C 55 -15.41 -1.49 -9.18
N ASN C 56 -14.31 -1.03 -9.76
CA ASN C 56 -14.23 -0.95 -11.21
C ASN C 56 -13.04 -1.73 -11.75
N ASN C 57 -12.92 -3.01 -11.39
CA ASN C 57 -11.74 -3.81 -11.73
C ASN C 57 -11.53 -4.00 -13.23
N THR C 58 -12.39 -4.81 -13.85
CA THR C 58 -12.46 -5.06 -15.30
C THR C 58 -11.15 -5.36 -16.01
N GLU C 59 -10.13 -5.86 -15.30
CA GLU C 59 -8.89 -6.43 -15.83
C GLU C 59 -7.97 -5.43 -16.53
N ASP C 60 -8.42 -4.20 -16.70
CA ASP C 60 -7.58 -3.18 -17.30
C ASP C 60 -7.27 -2.05 -16.34
N ASN C 61 -8.05 -1.91 -15.28
CA ASN C 61 -7.89 -0.82 -14.35
C ASN C 61 -7.29 -1.23 -13.02
N VAL C 62 -6.97 -2.52 -12.85
CA VAL C 62 -6.46 -2.97 -11.57
C VAL C 62 -5.05 -2.48 -11.31
N SER C 63 -4.25 -2.30 -12.35
CA SER C 63 -2.93 -1.69 -12.19
C SER C 63 -2.97 -0.20 -12.49
N SER C 64 -3.88 0.52 -11.86
CA SER C 64 -4.01 1.96 -12.07
C SER C 64 -4.83 2.55 -10.92
N LEU C 65 -4.99 3.86 -10.95
CA LEU C 65 -5.93 4.55 -10.09
C LEU C 65 -7.32 4.61 -10.68
N LYS C 66 -7.53 3.97 -11.83
CA LYS C 66 -8.85 3.97 -12.45
C LYS C 66 -9.81 3.03 -11.75
N ALA C 67 -9.31 2.14 -10.89
CA ALA C 67 -10.15 1.11 -10.31
C ALA C 67 -11.11 1.64 -9.27
N TYR C 68 -10.86 2.83 -8.73
CA TYR C 68 -11.71 3.35 -7.67
C TYR C 68 -12.84 4.22 -8.18
N GLN C 69 -12.81 4.63 -9.43
CA GLN C 69 -13.79 5.54 -9.99
C GLN C 69 -14.89 4.75 -10.69
N ILE C 70 -16.13 4.99 -10.30
CA ILE C 70 -17.29 4.42 -10.99
C ILE C 70 -17.74 5.43 -12.04
N PRO C 71 -17.90 5.03 -13.29
CA PRO C 71 -18.26 6.00 -14.32
C PRO C 71 -19.75 6.23 -14.36
N VAL C 72 -20.13 7.51 -14.50
CA VAL C 72 -21.53 7.93 -14.61
C VAL C 72 -21.61 8.90 -15.78
N GLN C 73 -22.46 8.61 -16.75
CA GLN C 73 -22.65 9.48 -17.90
C GLN C 73 -24.04 10.08 -17.87
N SER C 74 -24.39 10.77 -18.95
CA SER C 74 -25.74 11.23 -19.20
C SER C 74 -26.35 10.37 -20.29
N ASN C 75 -27.39 9.62 -19.96
CA ASN C 75 -27.88 8.58 -20.84
C ASN C 75 -28.89 9.15 -21.83
N SER C 76 -29.57 8.26 -22.55
CA SER C 76 -30.73 8.61 -23.36
C SER C 76 -31.96 7.81 -22.95
N ASP C 77 -31.82 6.87 -22.01
CA ASP C 77 -32.93 6.11 -21.48
C ASP C 77 -32.75 6.00 -19.97
N ASN C 78 -33.72 5.38 -19.31
CA ASN C 78 -33.76 5.39 -17.86
C ASN C 78 -33.72 3.97 -17.33
N GLY C 79 -33.31 3.83 -16.08
CA GLY C 79 -33.29 2.55 -15.41
C GLY C 79 -32.04 1.73 -15.62
N LYS C 80 -30.95 2.35 -16.07
CA LYS C 80 -29.73 1.61 -16.29
C LYS C 80 -29.06 1.28 -14.96
N GLN C 81 -28.10 0.36 -15.01
CA GLN C 81 -27.41 -0.10 -13.81
C GLN C 81 -26.05 0.58 -13.75
N VAL C 82 -25.69 1.05 -12.55
CA VAL C 82 -24.39 1.65 -12.35
C VAL C 82 -23.35 0.61 -11.99
N PHE C 83 -23.60 -0.19 -10.96
CA PHE C 83 -22.71 -1.30 -10.63
C PHE C 83 -23.52 -2.38 -9.92
N GLY C 84 -22.82 -3.37 -9.39
CA GLY C 84 -23.44 -4.42 -8.62
C GLY C 84 -22.44 -5.46 -8.20
N PHE C 85 -22.46 -5.89 -6.95
CA PHE C 85 -21.52 -6.88 -6.47
C PHE C 85 -22.11 -7.56 -5.25
N PRO C 86 -21.84 -8.85 -5.06
CA PRO C 86 -22.37 -9.52 -3.87
C PRO C 86 -21.62 -9.09 -2.62
N LEU C 87 -22.29 -9.24 -1.48
CA LEU C 87 -21.77 -8.71 -0.23
C LEU C 87 -21.14 -9.83 0.58
N GLN C 88 -19.92 -10.20 0.20
CA GLN C 88 -19.11 -11.13 0.98
C GLN C 88 -17.83 -10.40 1.33
N PRO C 89 -17.72 -9.87 2.54
CA PRO C 89 -16.61 -8.97 2.85
C PRO C 89 -15.33 -9.70 3.24
N GLY C 90 -15.23 -10.98 2.94
CA GLY C 90 -13.98 -11.67 3.18
C GLY C 90 -13.54 -12.52 2.01
N ALA C 91 -14.45 -12.75 1.07
CA ALA C 91 -14.18 -13.64 -0.05
C ALA C 91 -14.35 -12.99 -1.41
N ASN C 92 -15.23 -12.01 -1.56
CA ASN C 92 -15.42 -11.36 -2.84
C ASN C 92 -14.27 -10.42 -3.13
N ASN C 93 -13.80 -10.43 -4.37
CA ASN C 93 -12.60 -9.70 -4.75
C ASN C 93 -12.78 -8.19 -4.77
N VAL C 94 -14.01 -7.69 -4.66
CA VAL C 94 -14.21 -6.26 -4.56
C VAL C 94 -13.85 -5.76 -3.17
N LEU C 95 -14.46 -6.35 -2.14
CA LEU C 95 -14.20 -5.98 -0.76
C LEU C 95 -13.06 -6.77 -0.14
N ASN C 96 -12.18 -7.33 -0.95
CA ASN C 96 -11.19 -8.25 -0.41
C ASN C 96 -10.01 -7.54 0.20
N ARG C 97 -9.64 -6.38 -0.35
CA ARG C 97 -8.38 -5.74 -0.01
C ARG C 97 -8.54 -4.38 0.63
N THR C 98 -9.75 -4.00 1.01
CA THR C 98 -9.93 -2.76 1.74
C THR C 98 -9.51 -2.96 3.19
N LEU C 99 -9.56 -1.90 3.99
CA LEU C 99 -9.18 -2.00 5.38
C LEU C 99 -10.16 -2.81 6.21
N LEU C 100 -11.42 -2.86 5.79
CA LEU C 100 -12.35 -3.76 6.45
C LEU C 100 -12.05 -5.21 6.09
N GLY C 101 -11.88 -5.51 4.81
CA GLY C 101 -11.65 -6.88 4.40
C GLY C 101 -10.29 -7.43 4.79
N GLU C 102 -9.33 -6.56 5.08
CA GLU C 102 -8.01 -7.05 5.46
C GLU C 102 -7.91 -7.37 6.95
N ILE C 103 -8.96 -7.13 7.71
CA ILE C 103 -9.03 -7.59 9.09
C ILE C 103 -9.92 -8.82 9.20
N LEU C 104 -10.94 -8.91 8.36
CA LEU C 104 -11.78 -10.10 8.32
C LEU C 104 -11.03 -11.31 7.82
N ASN C 105 -9.97 -11.12 7.03
CA ASN C 105 -9.20 -12.26 6.58
C ASN C 105 -8.21 -12.75 7.61
N TYR C 106 -8.20 -12.18 8.81
CA TYR C 106 -7.51 -12.78 9.92
C TYR C 106 -8.44 -13.59 10.81
N TYR C 107 -9.74 -13.39 10.69
CA TYR C 107 -10.71 -14.06 11.54
C TYR C 107 -11.54 -15.02 10.71
N THR C 108 -12.52 -15.66 11.33
CA THR C 108 -13.30 -16.69 10.67
C THR C 108 -14.80 -16.42 10.68
N HIS C 109 -15.33 -15.89 11.78
CA HIS C 109 -16.73 -15.53 11.84
C HIS C 109 -16.86 -14.02 11.98
N TRP C 110 -17.99 -13.48 11.57
CA TRP C 110 -18.24 -12.06 11.73
C TRP C 110 -19.72 -11.82 11.88
N SER C 111 -20.06 -10.67 12.43
CA SER C 111 -21.46 -10.33 12.74
C SER C 111 -21.60 -8.84 12.88
N GLY C 112 -22.59 -8.27 12.23
CA GLY C 112 -22.87 -6.85 12.39
C GLY C 112 -23.28 -6.23 11.07
N SER C 113 -23.57 -4.95 11.14
CA SER C 113 -24.03 -4.21 9.98
C SER C 113 -22.88 -3.42 9.37
N ILE C 114 -23.01 -3.11 8.08
CA ILE C 114 -21.95 -2.50 7.31
C ILE C 114 -22.48 -1.24 6.64
N LYS C 115 -21.82 -0.11 6.87
CA LYS C 115 -22.18 1.13 6.20
C LYS C 115 -21.54 1.17 4.82
N LEU C 116 -22.08 2.03 3.97
CA LEU C 116 -21.54 2.22 2.62
C LEU C 116 -21.73 3.70 2.27
N THR C 117 -20.64 4.45 2.23
CA THR C 117 -20.68 5.87 1.97
C THR C 117 -20.30 6.14 0.53
N PHE C 118 -21.10 6.94 -0.15
CA PHE C 118 -20.81 7.35 -1.52
C PHE C 118 -20.53 8.84 -1.54
N MET C 119 -19.80 9.29 -2.56
CA MET C 119 -19.48 10.70 -2.69
C MET C 119 -19.46 11.07 -4.16
N PHE C 120 -20.29 12.02 -4.55
CA PHE C 120 -20.39 12.44 -5.93
C PHE C 120 -19.29 13.43 -6.23
N CYS C 121 -18.20 12.96 -6.82
CA CYS C 121 -17.07 13.82 -7.15
C CYS C 121 -17.15 14.35 -8.56
N GLY C 122 -18.29 14.94 -8.92
CA GLY C 122 -18.51 15.44 -10.25
C GLY C 122 -18.35 16.95 -10.31
N SER C 123 -19.12 17.56 -11.22
CA SER C 123 -19.08 19.00 -11.39
C SER C 123 -19.87 19.71 -10.30
N ALA C 124 -20.04 21.01 -10.47
CA ALA C 124 -20.77 21.80 -9.49
C ALA C 124 -22.19 22.14 -9.93
N MET C 125 -22.52 21.96 -11.21
CA MET C 125 -23.85 22.24 -11.71
C MET C 125 -24.62 20.99 -12.07
N ALA C 126 -23.96 19.85 -12.17
CA ALA C 126 -24.61 18.61 -12.56
C ALA C 126 -25.49 18.10 -11.43
N THR C 127 -26.63 17.53 -11.78
CA THR C 127 -27.65 17.13 -10.83
C THR C 127 -28.21 15.77 -11.27
N GLY C 128 -28.69 14.99 -10.33
CA GLY C 128 -29.33 13.72 -10.63
C GLY C 128 -29.64 12.97 -9.35
N LYS C 129 -30.46 11.94 -9.48
CA LYS C 129 -30.85 11.12 -8.35
C LYS C 129 -30.45 9.69 -8.59
N PHE C 130 -30.06 8.99 -7.54
CA PHE C 130 -29.65 7.61 -7.63
C PHE C 130 -30.42 6.77 -6.63
N LEU C 131 -30.60 5.51 -6.96
CA LEU C 131 -31.22 4.53 -6.09
C LEU C 131 -30.13 3.56 -5.66
N LEU C 132 -30.05 3.28 -4.37
CA LEU C 132 -29.05 2.36 -3.82
C LEU C 132 -29.79 1.22 -3.14
N ALA C 133 -29.96 0.11 -3.84
CA ALA C 133 -30.75 -1.00 -3.31
C ALA C 133 -29.87 -1.98 -2.55
N TYR C 134 -30.53 -2.94 -1.92
CA TYR C 134 -29.87 -4.07 -1.28
C TYR C 134 -30.88 -5.20 -1.23
N SER C 135 -30.54 -6.35 -1.80
CA SER C 135 -31.48 -7.44 -1.88
C SER C 135 -30.98 -8.61 -1.06
N PRO C 136 -31.69 -9.05 -0.04
CA PRO C 136 -31.30 -10.27 0.68
C PRO C 136 -31.47 -11.47 -0.23
N PRO C 137 -30.73 -12.56 0.00
CA PRO C 137 -30.70 -13.65 -0.98
C PRO C 137 -31.98 -14.49 -1.01
N GLY C 138 -31.98 -15.51 -1.85
CA GLY C 138 -33.13 -16.35 -2.03
C GLY C 138 -33.65 -16.26 -3.44
N ALA C 139 -33.69 -15.05 -3.98
CA ALA C 139 -33.89 -14.85 -5.40
C ALA C 139 -32.52 -14.70 -6.05
N GLY C 140 -32.51 -14.26 -7.29
CA GLY C 140 -31.25 -14.01 -7.95
C GLY C 140 -30.75 -12.61 -7.66
N VAL C 141 -29.97 -12.06 -8.58
CA VAL C 141 -29.62 -10.64 -8.52
C VAL C 141 -30.77 -9.93 -9.22
N PRO C 142 -31.22 -8.78 -8.74
CA PRO C 142 -32.30 -8.06 -9.43
C PRO C 142 -31.84 -7.54 -10.77
N LYS C 143 -32.74 -7.54 -11.74
CA LYS C 143 -32.40 -7.18 -13.11
C LYS C 143 -32.86 -5.81 -13.53
N ASN C 144 -33.94 -5.29 -12.96
CA ASN C 144 -34.48 -4.00 -13.36
C ASN C 144 -34.57 -3.09 -12.15
N ARG C 145 -34.99 -1.86 -12.39
CA ARG C 145 -35.31 -0.99 -11.27
C ARG C 145 -36.56 -1.46 -10.55
N LYS C 146 -37.50 -2.07 -11.29
CA LYS C 146 -38.74 -2.53 -10.69
C LYS C 146 -38.53 -3.70 -9.75
N ASP C 147 -37.51 -4.52 -10.01
CA ASP C 147 -37.23 -5.62 -9.10
C ASP C 147 -36.33 -5.22 -7.95
N ALA C 148 -35.47 -4.24 -8.13
CA ALA C 148 -34.56 -3.87 -7.07
C ALA C 148 -35.16 -2.90 -6.07
N MET C 149 -36.24 -2.22 -6.43
CA MET C 149 -36.88 -1.30 -5.51
C MET C 149 -37.66 -2.02 -4.42
N LEU C 150 -37.86 -3.32 -4.53
CA LEU C 150 -38.58 -4.08 -3.54
C LEU C 150 -37.78 -4.32 -2.27
N GLY C 151 -36.46 -4.39 -2.36
CA GLY C 151 -35.65 -4.65 -1.18
C GLY C 151 -35.47 -3.46 -0.28
N THR C 152 -34.31 -3.35 0.34
CA THR C 152 -33.98 -2.20 1.17
C THR C 152 -33.23 -1.19 0.34
N HIS C 153 -33.78 0.02 0.24
CA HIS C 153 -33.17 1.01 -0.64
C HIS C 153 -33.23 2.38 0.00
N VAL C 154 -32.59 3.33 -0.67
CA VAL C 154 -32.56 4.73 -0.25
C VAL C 154 -32.30 5.58 -1.50
N ILE C 155 -33.11 6.61 -1.69
CA ILE C 155 -33.00 7.46 -2.87
C ILE C 155 -32.17 8.68 -2.52
N TRP C 156 -31.07 8.87 -3.24
CA TRP C 156 -30.06 9.85 -2.90
C TRP C 156 -30.10 10.97 -3.92
N ASP C 157 -30.17 12.20 -3.45
CA ASP C 157 -30.12 13.39 -4.28
C ASP C 157 -28.81 14.12 -4.04
N VAL C 158 -28.22 14.65 -5.10
CA VAL C 158 -26.95 15.38 -4.97
C VAL C 158 -27.25 16.87 -4.87
N GLY C 159 -26.65 17.51 -3.88
CA GLY C 159 -26.86 18.93 -3.65
C GLY C 159 -25.64 19.57 -3.03
N LEU C 160 -25.85 20.36 -1.98
CA LEU C 160 -24.72 20.89 -1.22
C LEU C 160 -24.06 19.78 -0.40
N GLN C 161 -24.86 19.02 0.33
CA GLN C 161 -24.38 17.81 0.97
C GLN C 161 -24.04 16.79 -0.10
N SER C 162 -22.76 16.51 -0.30
CA SER C 162 -22.38 15.65 -1.40
C SER C 162 -22.56 14.18 -1.06
N SER C 163 -22.28 13.78 0.17
CA SER C 163 -22.18 12.38 0.52
C SER C 163 -23.53 11.78 0.86
N CYS C 164 -23.58 10.45 0.92
CA CYS C 164 -24.77 9.72 1.33
C CYS C 164 -24.37 8.39 1.92
N VAL C 165 -25.13 7.93 2.90
CA VAL C 165 -24.79 6.73 3.66
C VAL C 165 -25.94 5.75 3.54
N LEU C 166 -25.71 4.67 2.81
CA LEU C 166 -26.61 3.52 2.86
C LEU C 166 -26.08 2.57 3.91
N CYS C 167 -26.93 2.17 4.85
CA CYS C 167 -26.51 1.32 5.95
C CYS C 167 -27.17 -0.04 5.79
N VAL C 168 -26.40 -1.03 5.37
CA VAL C 168 -26.89 -2.38 5.15
C VAL C 168 -27.16 -3.04 6.49
N PRO C 169 -28.39 -3.41 6.80
CA PRO C 169 -28.71 -3.95 8.11
C PRO C 169 -28.29 -5.40 8.21
N TRP C 170 -28.39 -5.96 9.40
CA TRP C 170 -27.98 -7.32 9.68
C TRP C 170 -29.22 -8.19 9.68
N ILE C 171 -29.46 -8.88 8.58
CA ILE C 171 -30.57 -9.80 8.44
C ILE C 171 -29.97 -11.16 8.15
N SER C 172 -29.99 -12.05 9.14
CA SER C 172 -29.46 -13.39 8.94
C SER C 172 -30.11 -14.35 9.91
N GLN C 173 -30.13 -15.62 9.52
CA GLN C 173 -30.69 -16.65 10.38
C GLN C 173 -29.72 -17.03 11.50
N THR C 174 -28.43 -17.02 11.23
CA THR C 174 -27.44 -17.39 12.23
C THR C 174 -26.94 -16.16 12.96
N HIS C 175 -26.29 -16.37 14.08
CA HIS C 175 -25.67 -15.27 14.81
C HIS C 175 -24.37 -14.82 14.19
N TYR C 176 -23.81 -15.58 13.26
CA TYR C 176 -22.55 -15.22 12.64
C TYR C 176 -22.58 -15.69 11.20
N ARG C 177 -21.56 -15.31 10.45
CA ARG C 177 -21.42 -15.71 9.06
C ARG C 177 -19.99 -16.07 8.80
N TYR C 178 -19.76 -16.93 7.82
CA TYR C 178 -18.41 -17.32 7.50
C TYR C 178 -17.72 -16.25 6.67
N VAL C 179 -16.42 -16.09 6.90
CA VAL C 179 -15.63 -15.18 6.08
C VAL C 179 -15.39 -15.79 4.71
N VAL C 180 -15.07 -17.08 4.65
CA VAL C 180 -14.82 -17.74 3.37
C VAL C 180 -16.14 -17.98 2.65
N GLU C 181 -16.01 -18.38 1.38
CA GLU C 181 -17.16 -18.50 0.50
C GLU C 181 -18.05 -19.67 0.90
N ASP C 182 -19.37 -19.45 0.90
CA ASP C 182 -20.32 -20.48 1.27
C ASP C 182 -21.67 -20.18 0.63
N GLU C 183 -22.36 -21.24 0.19
CA GLU C 183 -23.73 -21.11 -0.29
C GLU C 183 -24.71 -20.99 0.85
N TYR C 184 -24.43 -21.63 1.98
CA TYR C 184 -25.42 -21.70 3.06
C TYR C 184 -25.62 -20.37 3.80
N THR C 185 -24.58 -19.55 3.89
CA THR C 185 -24.69 -18.29 4.60
C THR C 185 -24.38 -17.12 3.69
N ALA C 186 -24.96 -17.10 2.50
CA ALA C 186 -24.80 -15.95 1.62
C ALA C 186 -25.52 -14.75 2.20
N ALA C 187 -25.03 -13.55 1.87
CA ALA C 187 -25.53 -12.34 2.49
C ALA C 187 -26.34 -11.45 1.58
N GLY C 188 -26.23 -11.58 0.27
CA GLY C 188 -27.10 -10.82 -0.59
C GLY C 188 -26.32 -10.06 -1.62
N TYR C 189 -26.98 -9.07 -2.23
CA TYR C 189 -26.39 -8.31 -3.31
C TYR C 189 -26.62 -6.83 -3.06
N VAL C 190 -25.67 -6.02 -3.53
CA VAL C 190 -25.77 -4.57 -3.45
C VAL C 190 -25.75 -4.04 -4.87
N THR C 191 -26.78 -3.30 -5.25
CA THR C 191 -26.91 -2.74 -6.58
C THR C 191 -27.12 -1.24 -6.48
N CYS C 192 -27.08 -0.57 -7.63
CA CYS C 192 -27.29 0.87 -7.69
C CYS C 192 -27.80 1.24 -9.08
N TRP C 193 -28.82 2.07 -9.14
CA TRP C 193 -29.53 2.33 -10.38
C TRP C 193 -29.77 3.82 -10.56
N TYR C 194 -29.91 4.22 -11.82
CA TYR C 194 -30.29 5.59 -12.12
C TYR C 194 -31.75 5.80 -11.73
N GLN C 195 -32.01 6.80 -10.91
CA GLN C 195 -33.40 7.17 -10.66
C GLN C 195 -33.90 8.08 -11.77
N THR C 196 -33.28 9.22 -11.93
CA THR C 196 -33.44 10.06 -13.11
C THR C 196 -32.09 10.15 -13.80
N ASN C 197 -32.00 10.98 -14.82
CA ASN C 197 -30.76 11.09 -15.58
C ASN C 197 -29.81 12.05 -14.89
N ILE C 198 -28.70 12.36 -15.55
CA ILE C 198 -27.74 13.36 -15.09
C ILE C 198 -27.78 14.50 -16.09
N VAL C 199 -28.42 15.60 -15.72
CA VAL C 199 -28.52 16.75 -16.62
C VAL C 199 -27.38 17.70 -16.33
N VAL C 200 -26.84 18.32 -17.37
CA VAL C 200 -25.71 19.23 -17.25
C VAL C 200 -25.99 20.47 -18.09
N PRO C 201 -25.45 21.62 -17.74
CA PRO C 201 -25.57 22.77 -18.63
C PRO C 201 -24.61 22.67 -19.80
N ALA C 202 -24.61 23.67 -20.67
CA ALA C 202 -23.65 23.67 -21.76
C ALA C 202 -22.27 24.00 -21.22
N ASP C 203 -21.25 23.60 -21.99
CA ASP C 203 -19.82 23.78 -21.66
C ASP C 203 -19.45 23.14 -20.34
N VAL C 204 -20.04 21.99 -20.02
CA VAL C 204 -19.68 21.18 -18.88
C VAL C 204 -19.34 19.79 -19.39
N GLN C 205 -18.28 19.20 -18.86
CA GLN C 205 -17.97 17.82 -19.18
C GLN C 205 -19.07 16.90 -18.66
N SER C 206 -19.46 15.95 -19.49
CA SER C 206 -20.62 15.11 -19.19
C SER C 206 -20.34 14.03 -18.16
N SER C 207 -19.26 13.28 -18.31
CA SER C 207 -19.02 12.11 -17.48
C SER C 207 -18.51 12.54 -16.11
N CYS C 208 -19.30 12.28 -15.08
CA CYS C 208 -18.91 12.50 -13.70
C CYS C 208 -18.64 11.16 -13.03
N ASP C 209 -17.81 11.19 -11.99
CA ASP C 209 -17.38 9.96 -11.33
C ASP C 209 -17.87 9.92 -9.90
N ILE C 210 -17.80 8.73 -9.30
CA ILE C 210 -18.35 8.47 -7.97
C ILE C 210 -17.38 7.58 -7.21
N LEU C 211 -17.02 7.98 -6.00
CA LEU C 211 -16.25 7.14 -5.11
C LEU C 211 -17.19 6.39 -4.15
N CYS C 212 -16.68 5.33 -3.54
CA CYS C 212 -17.50 4.51 -2.67
C CYS C 212 -16.67 3.96 -1.52
N PHE C 213 -17.01 4.34 -0.30
CA PHE C 213 -16.29 3.93 0.89
C PHE C 213 -17.01 2.79 1.58
N VAL C 214 -16.34 2.20 2.57
CA VAL C 214 -16.92 1.12 3.37
C VAL C 214 -16.36 1.20 4.78
N SER C 215 -17.17 0.82 5.75
CA SER C 215 -16.81 0.80 7.16
C SER C 215 -17.78 -0.11 7.88
N ALA C 216 -17.61 -0.23 9.19
CA ALA C 216 -18.50 -1.04 10.01
C ALA C 216 -19.19 -0.17 11.03
N CYS C 217 -20.38 -0.59 11.46
CA CYS C 217 -21.12 0.17 12.46
C CYS C 217 -20.61 -0.22 13.84
N ASN C 218 -21.28 0.27 14.88
CA ASN C 218 -20.83 0.06 16.24
C ASN C 218 -21.38 -1.20 16.88
N ASP C 219 -21.71 -2.22 16.07
CA ASP C 219 -22.05 -3.53 16.59
C ASP C 219 -21.41 -4.62 15.75
N PHE C 220 -20.20 -4.37 15.28
CA PHE C 220 -19.44 -5.35 14.52
C PHE C 220 -18.55 -6.14 15.46
N SER C 221 -18.43 -7.43 15.22
CA SER C 221 -17.59 -8.28 16.06
C SER C 221 -17.11 -9.46 15.26
N VAL C 222 -15.93 -9.97 15.62
CA VAL C 222 -15.30 -11.08 14.93
C VAL C 222 -14.95 -12.16 15.95
N ARG C 223 -14.46 -13.28 15.44
CA ARG C 223 -14.27 -14.47 16.26
C ARG C 223 -13.33 -15.42 15.54
N MET C 224 -12.67 -16.30 16.30
CA MET C 224 -11.92 -17.45 15.81
C MET C 224 -10.77 -17.03 14.89
N LEU C 225 -9.75 -16.44 15.50
CA LEU C 225 -8.58 -15.94 14.79
C LEU C 225 -7.84 -17.06 14.06
N LYS C 226 -7.49 -16.81 12.80
CA LYS C 226 -6.74 -17.76 11.98
C LYS C 226 -5.61 -17.03 11.25
N ASP C 227 -4.88 -17.73 10.40
CA ASP C 227 -3.85 -17.11 9.58
C ASP C 227 -4.42 -16.62 8.27
N THR C 228 -3.66 -15.78 7.59
CA THR C 228 -4.18 -15.09 6.42
C THR C 228 -3.69 -15.75 5.13
N PRO C 229 -4.50 -15.76 4.08
CA PRO C 229 -4.07 -16.36 2.81
C PRO C 229 -3.48 -15.40 1.79
N PHE C 230 -3.24 -14.15 2.16
CA PHE C 230 -2.76 -13.15 1.19
C PHE C 230 -1.25 -12.99 1.22
N ILE C 231 -0.53 -13.90 1.85
CA ILE C 231 0.92 -13.83 1.90
C ILE C 231 1.52 -15.17 1.51
N ARG C 232 2.71 -15.12 0.91
CA ARG C 232 3.39 -16.31 0.49
C ARG C 232 4.89 -16.27 0.65
N GLN C 233 5.48 -17.39 1.02
CA GLN C 233 6.90 -17.45 1.32
C GLN C 233 7.45 -18.83 0.99
N ASP C 234 8.64 -18.85 0.39
CA ASP C 234 9.30 -20.11 0.05
C ASP C 234 10.63 -20.29 0.76
N THR C 235 11.44 -19.26 0.88
CA THR C 235 12.64 -19.36 1.70
C THR C 235 12.76 -18.19 2.66
N PHE C 236 13.84 -18.14 3.43
CA PHE C 236 14.04 -17.01 4.32
C PHE C 236 14.58 -15.82 3.53
N TYR C 237 14.66 -14.69 4.21
CA TYR C 237 15.13 -13.47 3.59
C TYR C 237 16.57 -13.16 3.96
N ALA D 3 -2.85 -13.93 46.30
CA ALA D 3 -3.75 -14.86 45.63
C ALA D 3 -4.98 -14.14 45.10
N GLN D 4 -4.96 -13.79 43.83
CA GLN D 4 -6.06 -13.05 43.25
C GLN D 4 -7.17 -13.97 42.79
N VAL D 5 -8.40 -13.47 42.84
CA VAL D 5 -9.58 -14.19 42.39
C VAL D 5 -10.26 -13.36 41.30
N SER D 6 -10.41 -13.94 40.12
CA SER D 6 -10.95 -13.24 38.97
C SER D 6 -12.24 -13.93 38.51
N THR D 7 -12.74 -13.54 37.34
CA THR D 7 -14.12 -13.85 36.98
C THR D 7 -14.31 -14.89 35.89
N GLN D 8 -13.25 -15.27 35.16
CA GLN D 8 -13.26 -16.43 34.24
C GLN D 8 -14.32 -16.37 33.15
N LYS D 9 -14.10 -15.52 32.14
CA LYS D 9 -14.97 -15.21 31.00
C LYS D 9 -15.73 -16.41 30.45
N THR D 10 -17.04 -16.24 30.28
CA THR D 10 -17.93 -17.30 29.82
C THR D 10 -19.13 -16.65 29.12
N GLY D 11 -20.17 -17.45 28.90
CA GLY D 11 -21.33 -16.99 28.17
C GLY D 11 -22.28 -16.08 28.92
N ILE D 25 -18.54 -17.73 38.14
CA ILE D 25 -17.59 -18.74 38.55
C ILE D 25 -16.20 -18.10 38.55
N HIS D 26 -15.27 -18.63 39.34
CA HIS D 26 -14.02 -17.94 39.63
C HIS D 26 -12.81 -18.83 39.37
N TYR D 27 -11.62 -18.23 39.47
CA TYR D 27 -10.38 -18.98 39.48
C TYR D 27 -9.36 -18.22 40.30
N THR D 28 -8.18 -18.82 40.44
CA THR D 28 -7.15 -18.32 41.32
C THR D 28 -5.81 -18.25 40.60
N ASN D 29 -5.10 -17.14 40.77
CA ASN D 29 -3.84 -16.91 40.09
C ASN D 29 -2.86 -16.26 41.04
N ILE D 30 -1.73 -16.90 41.27
CA ILE D 30 -0.69 -16.43 42.18
C ILE D 30 0.59 -16.25 41.40
N ASN D 31 1.26 -15.12 41.61
CA ASN D 31 2.55 -14.86 40.99
C ASN D 31 3.65 -15.49 41.83
N TYR D 32 4.62 -16.14 41.17
CA TYR D 32 5.70 -16.78 41.89
C TYR D 32 7.06 -16.11 41.72
N TYR D 33 7.28 -15.38 40.65
CA TYR D 33 8.62 -14.89 40.36
C TYR D 33 8.77 -13.44 40.78
N LYS D 34 10.02 -12.99 40.84
CA LYS D 34 10.33 -11.69 41.41
C LYS D 34 10.24 -10.54 40.43
N ASP D 35 10.05 -10.82 39.15
CA ASP D 35 9.97 -9.75 38.16
C ASP D 35 8.52 -9.48 37.78
N ALA D 36 8.35 -8.61 36.80
CA ALA D 36 7.05 -8.35 36.21
C ALA D 36 6.95 -8.87 34.80
N ALA D 37 8.07 -9.20 34.16
CA ALA D 37 8.07 -9.80 32.85
C ALA D 37 7.94 -11.31 32.92
N SER D 38 7.71 -11.85 34.10
CA SER D 38 7.47 -13.28 34.28
C SER D 38 6.02 -13.60 34.53
N ASN D 39 5.16 -12.59 34.60
CA ASN D 39 3.74 -12.84 34.78
C ASN D 39 3.15 -13.37 33.48
N SER D 40 1.94 -13.91 33.58
CA SER D 40 1.25 -14.40 32.39
C SER D 40 0.66 -13.22 31.63
N ALA D 41 0.06 -13.53 30.48
CA ALA D 41 -0.57 -12.50 29.68
C ALA D 41 -1.85 -12.02 30.39
N ASN D 42 -2.17 -10.74 30.18
CA ASN D 42 -3.29 -10.15 30.90
C ASN D 42 -4.61 -10.64 30.32
N ARG D 43 -4.83 -10.40 29.03
CA ARG D 43 -5.97 -10.89 28.24
C ARG D 43 -7.34 -10.45 28.73
N GLN D 44 -7.41 -9.52 29.68
CA GLN D 44 -8.69 -9.07 30.20
C GLN D 44 -8.70 -7.57 30.41
N ASP D 45 -8.15 -6.83 29.45
CA ASP D 45 -8.25 -5.37 29.45
C ASP D 45 -9.10 -5.00 28.23
N PHE D 46 -10.33 -4.60 28.52
CA PHE D 46 -11.27 -4.24 27.46
C PHE D 46 -11.59 -2.77 27.61
N THR D 47 -10.98 -1.95 26.76
CA THR D 47 -11.23 -0.52 26.73
C THR D 47 -11.44 -0.09 25.30
N GLN D 48 -12.48 0.71 25.08
CA GLN D 48 -12.82 1.17 23.74
C GLN D 48 -12.87 2.68 23.72
N ASP D 49 -12.25 3.27 22.71
CA ASP D 49 -12.33 4.71 22.48
C ASP D 49 -12.08 4.95 21.00
N PRO D 50 -13.07 4.73 20.13
CA PRO D 50 -12.85 4.92 18.70
C PRO D 50 -12.93 6.37 18.27
N GLY D 51 -13.26 7.29 19.18
CA GLY D 51 -13.43 8.69 18.85
C GLY D 51 -12.18 9.39 18.37
N LYS D 52 -11.00 8.85 18.62
CA LYS D 52 -9.78 9.45 18.13
C LYS D 52 -9.41 8.98 16.74
N PHE D 53 -10.20 8.08 16.15
CA PHE D 53 -10.00 7.67 14.76
C PHE D 53 -11.20 7.96 13.88
N THR D 54 -12.41 7.84 14.43
CA THR D 54 -13.60 8.08 13.64
C THR D 54 -13.97 9.55 13.61
N GLU D 55 -13.83 10.26 14.73
CA GLU D 55 -14.20 11.67 14.83
C GLU D 55 -13.01 12.50 15.27
N PRO D 56 -12.03 12.72 14.38
CA PRO D 56 -10.87 13.55 14.72
C PRO D 56 -11.03 15.00 14.30
N VAL D 57 -12.18 15.59 14.61
CA VAL D 57 -12.46 16.94 14.18
C VAL D 57 -12.44 17.89 15.36
N LYS D 58 -12.33 19.18 15.08
CA LYS D 58 -12.28 20.19 16.12
C LYS D 58 -13.67 20.64 16.54
N ASP D 59 -14.49 21.09 15.59
CA ASP D 59 -15.87 21.43 15.86
C ASP D 59 -16.71 20.17 15.81
N ILE D 60 -17.41 19.87 16.90
CA ILE D 60 -18.20 18.64 16.96
C ILE D 60 -19.44 18.80 16.09
N MET D 61 -19.72 17.79 15.27
CA MET D 61 -20.86 17.81 14.37
C MET D 61 -21.93 16.85 14.89
N VAL D 62 -23.14 17.35 15.05
CA VAL D 62 -24.25 16.54 15.52
C VAL D 62 -24.74 15.67 14.36
N LYS D 63 -25.26 14.49 14.69
CA LYS D 63 -25.65 13.50 13.68
C LYS D 63 -26.84 13.97 12.85
N THR D 64 -27.86 14.51 13.50
CA THR D 64 -29.09 14.85 12.82
C THR D 64 -29.09 16.23 12.19
N MET D 65 -27.96 16.88 12.11
CA MET D 65 -27.85 18.18 11.48
C MET D 65 -27.10 18.06 10.16
N PRO D 66 -27.25 19.02 9.25
CA PRO D 66 -26.38 19.05 8.07
C PRO D 66 -24.95 19.36 8.46
N ALA D 67 -24.01 18.74 7.74
CA ALA D 67 -22.61 18.88 8.09
C ALA D 67 -22.02 20.19 7.60
N LEU D 68 -22.41 20.65 6.41
CA LEU D 68 -21.89 21.88 5.84
C LEU D 68 -23.00 22.93 5.94
N ASN D 69 -23.03 23.63 7.07
CA ASN D 69 -24.08 24.59 7.36
C ASN D 69 -23.87 25.89 6.59
N GLU E 1 -4.15 15.14 -37.56
CA GLU E 1 -3.49 13.92 -38.02
C GLU E 1 -2.07 13.83 -37.47
N VAL E 2 -1.55 12.62 -37.40
CA VAL E 2 -0.26 12.38 -36.77
C VAL E 2 0.79 12.20 -37.87
N LYS E 3 1.92 12.90 -37.74
CA LYS E 3 3.00 12.82 -38.71
C LYS E 3 4.34 12.90 -37.99
N LEU E 4 5.14 11.85 -38.12
CA LEU E 4 6.48 11.77 -37.53
C LEU E 4 7.48 11.43 -38.62
N VAL E 5 8.44 12.32 -38.84
CA VAL E 5 9.52 12.09 -39.79
C VAL E 5 10.83 12.13 -39.00
N GLU E 6 11.86 11.50 -39.53
CA GLU E 6 13.15 11.45 -38.86
C GLU E 6 14.29 11.50 -39.86
N SER E 7 15.45 11.94 -39.38
CA SER E 7 16.64 12.10 -40.21
C SER E 7 17.87 12.12 -39.33
N GLY E 8 19.02 11.87 -39.95
CA GLY E 8 20.28 11.89 -39.23
C GLY E 8 21.09 10.63 -39.40
N GLY E 9 20.57 9.67 -40.14
CA GLY E 9 21.23 8.39 -40.30
C GLY E 9 22.30 8.41 -41.38
N GLY E 10 23.12 7.38 -41.35
CA GLY E 10 24.18 7.24 -42.32
C GLY E 10 25.28 6.33 -41.80
N LEU E 11 26.33 6.20 -42.60
CA LEU E 11 27.44 5.34 -42.24
C LEU E 11 28.36 6.05 -41.24
N VAL E 12 28.59 5.40 -40.10
CA VAL E 12 29.51 5.89 -39.08
C VAL E 12 30.36 4.71 -38.63
N GLN E 13 31.71 4.94 -38.57
CA GLN E 13 32.81 4.07 -38.16
C GLN E 13 32.55 3.50 -36.77
N PRO E 14 33.09 2.32 -36.45
CA PRO E 14 32.92 1.77 -35.11
C PRO E 14 33.62 2.61 -34.05
N GLY E 15 33.01 2.66 -32.87
CA GLY E 15 33.50 3.48 -31.78
C GLY E 15 33.07 4.93 -31.82
N GLY E 16 32.37 5.35 -32.86
CA GLY E 16 32.02 6.74 -33.06
C GLY E 16 30.73 7.14 -32.36
N SER E 17 30.32 8.37 -32.64
CA SER E 17 29.09 8.93 -32.10
C SER E 17 28.16 9.33 -33.24
N LEU E 18 26.88 9.50 -32.90
CA LEU E 18 25.86 9.80 -33.89
C LEU E 18 24.67 10.43 -33.18
N SER E 19 23.99 11.34 -33.87
CA SER E 19 22.81 12.02 -33.33
C SER E 19 21.65 11.86 -34.29
N LEU E 20 20.60 11.18 -33.84
CA LEU E 20 19.36 11.05 -34.61
C LEU E 20 18.33 12.05 -34.09
N SER E 21 17.43 12.43 -34.98
CA SER E 21 16.40 13.40 -34.65
C SER E 21 15.06 12.95 -35.21
N CYS E 22 14.02 13.02 -34.37
CA CYS E 22 12.67 12.66 -34.76
C CYS E 22 11.77 13.86 -34.58
N ALA E 23 11.17 14.33 -35.66
CA ALA E 23 10.34 15.53 -35.65
C ALA E 23 8.87 15.14 -35.63
N ALA E 24 8.09 15.85 -34.84
CA ALA E 24 6.67 15.56 -34.65
C ALA E 24 5.84 16.77 -35.06
N SER E 25 4.67 16.51 -35.66
CA SER E 25 3.80 17.56 -36.12
C SER E 25 2.36 17.05 -36.14
N GLY E 26 1.42 17.93 -35.84
CA GLY E 26 0.02 17.60 -35.88
C GLY E 26 -0.60 17.25 -34.53
N PHE E 27 0.19 17.28 -33.46
CA PHE E 27 -0.34 16.99 -32.13
C PHE E 27 0.52 17.72 -31.11
N THR E 28 -0.01 17.84 -29.89
CA THR E 28 0.70 18.51 -28.81
C THR E 28 1.81 17.60 -28.29
N PHE E 29 3.04 18.09 -28.31
CA PHE E 29 4.19 17.24 -28.07
C PHE E 29 4.41 16.94 -26.59
N THR E 30 3.77 17.68 -25.70
CA THR E 30 4.06 17.55 -24.27
C THR E 30 3.06 16.67 -23.54
N ASP E 31 2.25 15.89 -24.24
CA ASP E 31 1.25 15.05 -23.60
C ASP E 31 1.30 13.60 -24.00
N TYR E 32 2.28 13.19 -24.79
CA TYR E 32 2.32 11.84 -25.33
C TYR E 32 3.68 11.22 -25.07
N TYR E 33 3.66 9.94 -24.68
CA TYR E 33 4.91 9.19 -24.54
C TYR E 33 5.50 8.91 -25.92
N MET E 34 6.82 9.05 -26.01
CA MET E 34 7.53 8.90 -27.27
C MET E 34 8.57 7.81 -27.13
N ASN E 35 8.52 6.81 -28.00
CA ASN E 35 9.38 5.65 -27.90
C ASN E 35 10.48 5.67 -28.95
N TRP E 36 11.44 4.76 -28.79
CA TRP E 36 12.51 4.53 -29.75
C TRP E 36 12.67 3.04 -29.91
N VAL E 37 12.32 2.53 -31.09
CA VAL E 37 12.37 1.10 -31.38
C VAL E 37 13.19 0.89 -32.63
N ARG E 38 14.15 -0.03 -32.57
CA ARG E 38 15.01 -0.36 -33.69
C ARG E 38 14.72 -1.76 -34.18
N GLN E 39 15.17 -2.04 -35.40
CA GLN E 39 14.93 -3.34 -36.00
C GLN E 39 16.05 -3.71 -36.96
N PRO E 40 16.71 -4.85 -36.75
CA PRO E 40 17.76 -5.26 -37.69
C PRO E 40 17.17 -5.75 -39.01
N SER E 41 18.07 -6.17 -39.89
CA SER E 41 17.72 -6.51 -41.26
C SER E 41 16.94 -7.82 -41.28
N GLY E 42 15.62 -7.73 -41.40
CA GLY E 42 14.79 -8.91 -41.51
C GLY E 42 14.65 -9.70 -40.23
N LYS E 43 14.87 -9.08 -39.09
CA LYS E 43 14.81 -9.76 -37.80
C LYS E 43 13.68 -9.17 -36.96
N ALA E 44 13.61 -9.62 -35.71
CA ALA E 44 12.55 -9.17 -34.81
C ALA E 44 12.83 -7.76 -34.31
N LEU E 45 11.77 -7.11 -33.85
CA LEU E 45 11.88 -5.76 -33.32
C LEU E 45 12.59 -5.76 -31.97
N GLU E 46 13.12 -4.60 -31.61
CA GLU E 46 13.78 -4.43 -30.31
C GLU E 46 13.50 -3.04 -29.79
N TRP E 47 13.04 -2.95 -28.55
CA TRP E 47 12.70 -1.68 -27.94
C TRP E 47 13.90 -1.13 -27.20
N LEU E 48 14.14 0.17 -27.33
CA LEU E 48 15.31 0.80 -26.72
C LEU E 48 14.97 1.64 -25.51
N GLY E 49 13.93 2.44 -25.57
CA GLY E 49 13.56 3.27 -24.43
C GLY E 49 12.59 4.35 -24.82
N PHE E 50 11.91 4.89 -23.83
CA PHE E 50 10.97 5.98 -24.08
C PHE E 50 11.25 7.15 -23.15
N LEU E 51 10.41 8.18 -23.30
CA LEU E 51 10.56 9.45 -22.58
C LEU E 51 9.17 9.94 -22.24
N ARG E 52 8.94 10.23 -20.95
CA ARG E 52 7.60 10.54 -20.50
C ARG E 52 7.22 11.97 -20.85
N ASN E 53 5.96 12.30 -20.57
CA ASN E 53 5.41 13.61 -20.92
C ASN E 53 5.71 14.62 -19.82
N LYS E 54 5.12 15.80 -19.93
CA LYS E 54 5.38 16.86 -18.95
C LYS E 54 4.65 16.59 -17.63
N ALA E 55 3.61 15.77 -17.67
CA ALA E 55 2.85 15.48 -16.47
C ALA E 55 3.55 14.51 -15.53
N ASN E 56 4.62 13.86 -15.98
CA ASN E 56 5.37 12.94 -15.14
C ASN E 56 6.81 13.35 -14.93
N GLY E 57 7.25 14.43 -15.55
CA GLY E 57 8.54 15.01 -15.24
C GLY E 57 9.66 14.77 -16.23
N TYR E 58 9.34 14.32 -17.45
CA TYR E 58 10.30 14.13 -18.55
C TYR E 58 11.41 13.15 -18.21
N THR E 59 11.12 12.12 -17.41
CA THR E 59 12.13 11.13 -17.11
C THR E 59 12.26 10.15 -18.27
N THR E 60 13.40 9.47 -18.31
CA THR E 60 13.69 8.49 -19.36
C THR E 60 13.80 7.10 -18.77
N GLU E 61 13.51 6.10 -19.61
CA GLU E 61 13.57 4.70 -19.19
C GLU E 61 14.21 3.87 -20.29
N TYR E 62 15.51 3.60 -20.16
CA TYR E 62 16.22 2.86 -21.19
C TYR E 62 16.01 1.37 -21.03
N SER E 63 16.55 0.60 -21.96
CA SER E 63 16.53 -0.85 -21.88
C SER E 63 17.71 -1.33 -21.05
N ALA E 64 17.98 -2.63 -21.07
CA ALA E 64 19.08 -3.18 -20.29
C ALA E 64 20.39 -3.22 -21.07
N SER E 65 20.33 -3.31 -22.39
CA SER E 65 21.53 -3.46 -23.19
C SER E 65 22.09 -2.12 -23.67
N VAL E 66 21.28 -1.06 -23.63
CA VAL E 66 21.64 0.22 -24.20
C VAL E 66 21.86 1.32 -23.16
N LYS E 67 21.83 0.98 -21.88
CA LYS E 67 22.04 1.99 -20.85
C LYS E 67 23.52 2.30 -20.75
N GLY E 68 23.85 3.58 -20.64
CA GLY E 68 25.21 4.04 -20.56
C GLY E 68 25.79 4.45 -21.89
N ARG E 69 25.26 3.92 -22.99
CA ARG E 69 25.74 4.28 -24.31
C ARG E 69 24.79 5.19 -25.07
N PHE E 70 23.49 5.07 -24.84
CA PHE E 70 22.50 5.86 -25.55
C PHE E 70 21.85 6.86 -24.62
N THR E 71 21.23 7.89 -25.19
CA THR E 71 20.62 8.93 -24.39
C THR E 71 19.48 9.55 -25.19
N ILE E 72 18.28 9.58 -24.59
CA ILE E 72 17.10 10.17 -25.19
C ILE E 72 16.85 11.52 -24.52
N SER E 73 16.54 12.52 -25.33
CA SER E 73 16.22 13.84 -24.81
C SER E 73 15.33 14.55 -25.82
N ARG E 74 14.67 15.61 -25.35
CA ARG E 74 13.82 16.43 -26.19
C ARG E 74 14.15 17.90 -25.95
N ASP E 75 13.76 18.73 -26.90
CA ASP E 75 14.01 20.16 -26.80
C ASP E 75 12.78 20.85 -26.24
N ASN E 76 12.99 21.93 -25.50
CA ASN E 76 11.89 22.57 -24.80
C ASN E 76 11.10 23.50 -25.71
N SER E 77 11.75 24.03 -26.75
CA SER E 77 11.13 25.08 -27.56
C SER E 77 10.09 24.51 -28.51
N GLN E 78 10.50 23.65 -29.42
CA GLN E 78 9.62 23.12 -30.44
C GLN E 78 9.50 21.61 -30.31
N SER E 79 8.69 21.02 -31.19
CA SER E 79 8.46 19.59 -31.20
C SER E 79 9.57 18.92 -31.99
N ILE E 80 10.59 18.44 -31.28
CA ILE E 80 11.71 17.73 -31.89
C ILE E 80 12.30 16.82 -30.82
N LEU E 81 12.65 15.60 -31.22
CA LEU E 81 13.14 14.59 -30.31
C LEU E 81 14.55 14.22 -30.69
N TYR E 82 15.37 13.86 -29.70
CA TYR E 82 16.77 13.55 -29.95
C TYR E 82 17.08 12.11 -29.54
N LEU E 83 18.22 11.63 -30.03
CA LEU E 83 18.75 10.33 -29.62
C LEU E 83 20.27 10.39 -29.78
N GLN E 84 20.98 10.43 -28.66
CA GLN E 84 22.44 10.55 -28.67
C GLN E 84 23.05 9.16 -28.59
N MET E 85 23.85 8.82 -29.59
CA MET E 85 24.50 7.52 -29.67
C MET E 85 25.98 7.67 -29.35
N ASN E 86 26.49 6.78 -28.50
CA ASN E 86 27.91 6.79 -28.16
C ASN E 86 28.40 5.35 -28.06
N ALA E 87 29.68 5.17 -28.41
CA ALA E 87 30.40 3.89 -28.35
C ALA E 87 29.69 2.82 -29.17
N LEU E 88 29.63 3.04 -30.48
CA LEU E 88 28.94 2.12 -31.37
C LEU E 88 29.76 0.86 -31.60
N ARG E 89 29.05 -0.24 -31.82
CA ARG E 89 29.65 -1.52 -32.16
C ARG E 89 29.15 -1.95 -33.53
N ALA E 90 29.49 -3.18 -33.92
CA ALA E 90 29.08 -3.70 -35.21
C ALA E 90 27.62 -4.10 -35.26
N GLU E 91 27.06 -4.56 -34.15
CA GLU E 91 25.70 -5.06 -34.09
C GLU E 91 24.67 -3.96 -33.83
N ASP E 92 25.06 -2.70 -33.89
CA ASP E 92 24.14 -1.59 -33.76
C ASP E 92 23.61 -1.11 -35.12
N SER E 93 23.86 -1.88 -36.18
CA SER E 93 23.39 -1.52 -37.51
C SER E 93 21.98 -2.07 -37.70
N ALA E 94 21.01 -1.17 -37.84
CA ALA E 94 19.61 -1.56 -37.90
C ALA E 94 18.82 -0.45 -38.58
N THR E 95 17.50 -0.54 -38.49
CA THR E 95 16.59 0.49 -38.95
C THR E 95 15.85 1.03 -37.74
N TYR E 96 15.85 2.34 -37.57
CA TYR E 96 15.41 2.96 -36.33
C TYR E 96 14.10 3.69 -36.55
N TYR E 97 13.08 3.33 -35.77
CA TYR E 97 11.77 3.95 -35.83
C TYR E 97 11.57 4.87 -34.64
N CYS E 98 10.49 5.63 -34.68
CA CYS E 98 10.17 6.61 -33.65
C CYS E 98 8.65 6.59 -33.48
N ALA E 99 8.18 5.95 -32.42
CA ALA E 99 6.76 5.69 -32.26
C ALA E 99 6.16 6.55 -31.16
N ARG E 100 4.86 6.79 -31.25
CA ARG E 100 4.10 7.52 -30.27
C ARG E 100 3.21 6.55 -29.49
N SER E 101 2.66 7.03 -28.38
CA SER E 101 1.73 6.24 -27.59
C SER E 101 0.75 7.16 -26.88
N ARG E 102 -0.31 6.58 -26.34
CA ARG E 102 -1.38 7.37 -25.75
C ARG E 102 -2.13 6.55 -24.71
N TYR E 103 -3.01 7.23 -23.98
CA TYR E 103 -3.86 6.60 -22.97
C TYR E 103 -5.14 6.12 -23.63
N TYR E 104 -5.49 4.85 -23.42
CA TYR E 104 -6.66 4.29 -24.10
C TYR E 104 -7.91 4.33 -23.22
N GLY E 105 -7.81 3.84 -22.00
CA GLY E 105 -8.90 4.05 -21.07
C GLY E 105 -8.67 5.36 -20.34
N GLY E 106 -8.60 5.28 -19.02
CA GLY E 106 -8.03 6.38 -18.27
C GLY E 106 -6.62 6.00 -17.92
N THR E 107 -6.29 4.74 -18.19
CA THR E 107 -5.02 4.15 -17.83
C THR E 107 -4.07 4.20 -19.02
N TYR E 108 -2.87 3.68 -18.82
CA TYR E 108 -1.83 3.68 -19.84
C TYR E 108 -1.46 2.24 -20.17
N ARG E 109 -2.04 1.71 -21.23
CA ARG E 109 -1.56 0.47 -21.80
C ARG E 109 -0.29 0.77 -22.57
N TYR E 110 0.48 -0.28 -22.86
CA TYR E 110 1.83 -0.07 -23.36
C TYR E 110 1.96 -0.31 -24.85
N ALA E 111 0.97 0.09 -25.64
CA ALA E 111 1.03 -0.08 -27.08
C ALA E 111 1.57 1.18 -27.76
N LEU E 112 2.04 1.00 -28.99
CA LEU E 112 2.63 2.07 -29.78
C LEU E 112 1.80 2.21 -31.06
N ASP E 113 1.05 3.30 -31.18
CA ASP E 113 0.03 3.37 -32.23
C ASP E 113 0.56 3.98 -33.52
N TYR E 114 1.21 5.13 -33.45
CA TYR E 114 1.65 5.84 -34.65
C TYR E 114 3.16 5.74 -34.78
N TRP E 115 3.63 5.33 -35.94
CA TRP E 115 5.04 4.99 -36.13
C TRP E 115 5.68 5.91 -37.16
N GLY E 116 7.00 6.02 -37.06
CA GLY E 116 7.77 6.80 -38.03
C GLY E 116 8.10 6.00 -39.27
N GLN E 117 8.56 6.71 -40.30
CA GLN E 117 8.79 6.08 -41.59
C GLN E 117 10.04 5.21 -41.62
N GLY E 118 10.94 5.35 -40.65
CA GLY E 118 12.08 4.48 -40.58
C GLY E 118 13.33 5.03 -41.22
N THR E 119 14.33 5.37 -40.41
CA THR E 119 15.63 5.78 -40.91
C THR E 119 16.65 4.67 -40.72
N SER E 120 17.67 4.67 -41.58
CA SER E 120 18.65 3.60 -41.65
C SER E 120 19.98 4.07 -41.08
N VAL E 121 20.57 3.25 -40.23
CA VAL E 121 21.89 3.49 -39.66
C VAL E 121 22.70 2.21 -39.80
N THR E 122 23.84 2.31 -40.47
CA THR E 122 24.74 1.18 -40.66
C THR E 122 26.15 1.58 -40.21
N VAL E 123 26.92 0.59 -39.78
CA VAL E 123 28.30 0.79 -39.33
C VAL E 123 29.18 -0.16 -40.13
N SER E 124 30.49 0.05 -40.06
CA SER E 124 31.43 -0.82 -40.77
C SER E 124 32.77 -0.88 -40.04
N ASN F 2 11.73 -12.18 -19.88
CA ASN F 2 10.58 -12.88 -20.46
C ASN F 2 10.69 -12.93 -21.97
N VAL F 3 10.22 -14.01 -22.57
CA VAL F 3 10.36 -14.25 -24.00
C VAL F 3 9.05 -14.76 -24.55
N LEU F 4 8.70 -14.31 -25.76
CA LEU F 4 7.52 -14.79 -26.47
C LEU F 4 7.93 -15.77 -27.55
N THR F 5 7.11 -16.79 -27.76
CA THR F 5 7.30 -17.76 -28.84
C THR F 5 6.07 -17.73 -29.73
N GLN F 6 6.25 -17.40 -31.00
CA GLN F 6 5.19 -17.47 -31.98
C GLN F 6 5.35 -18.74 -32.82
N SER F 7 4.23 -19.33 -33.21
CA SER F 7 4.26 -20.58 -33.92
C SER F 7 2.97 -20.75 -34.71
N PRO F 8 3.03 -21.21 -35.97
CA PRO F 8 4.24 -21.49 -36.75
C PRO F 8 4.76 -20.23 -37.42
N PRO F 9 6.05 -20.19 -37.79
CA PRO F 9 6.60 -18.95 -38.34
C PRO F 9 6.09 -18.61 -39.73
N ILE F 10 6.02 -19.58 -40.63
CA ILE F 10 5.58 -19.32 -41.99
C ILE F 10 4.28 -20.09 -42.22
N MET F 11 3.24 -19.35 -42.59
CA MET F 11 1.93 -19.94 -42.79
C MET F 11 1.39 -19.47 -44.14
N SER F 12 0.77 -20.40 -44.86
CA SER F 12 0.14 -20.12 -46.14
C SER F 12 -1.36 -20.02 -45.94
N ALA F 13 -2.02 -19.26 -46.80
CA ALA F 13 -3.44 -19.04 -46.63
C ALA F 13 -4.11 -18.84 -47.98
N SER F 14 -5.08 -19.69 -48.27
CA SER F 14 -5.96 -19.52 -49.42
C SER F 14 -7.08 -18.56 -49.06
N PRO F 15 -7.66 -17.87 -50.04
CA PRO F 15 -8.79 -16.98 -49.72
C PRO F 15 -10.03 -17.77 -49.33
N GLY F 16 -10.66 -17.35 -48.23
CA GLY F 16 -11.90 -17.94 -47.78
C GLY F 16 -11.77 -18.89 -46.61
N GLU F 17 -10.55 -19.26 -46.22
CA GLU F 17 -10.39 -20.25 -45.16
C GLU F 17 -10.27 -19.57 -43.79
N LYS F 18 -10.54 -20.35 -42.75
CA LYS F 18 -10.42 -19.90 -41.37
C LYS F 18 -8.99 -20.12 -40.92
N VAL F 19 -8.37 -19.08 -40.38
CA VAL F 19 -6.94 -19.06 -40.10
C VAL F 19 -6.73 -18.55 -38.68
N THR F 20 -5.79 -19.17 -37.97
CA THR F 20 -5.44 -18.75 -36.62
C THR F 20 -3.93 -18.87 -36.42
N MET F 21 -3.38 -17.97 -35.62
CA MET F 21 -1.99 -18.00 -35.20
C MET F 21 -1.93 -17.80 -33.70
N THR F 22 -0.89 -18.36 -33.08
CA THR F 22 -0.77 -18.35 -31.62
C THR F 22 0.43 -17.52 -31.20
N CYS F 23 0.44 -17.15 -29.93
CA CYS F 23 1.54 -16.39 -29.34
C CYS F 23 1.64 -16.84 -27.88
N ARG F 24 2.62 -17.67 -27.59
CA ARG F 24 2.76 -18.30 -26.29
C ARG F 24 3.89 -17.64 -25.52
N ALA F 25 3.61 -17.23 -24.29
CA ALA F 25 4.59 -16.58 -23.43
C ALA F 25 5.22 -17.60 -22.50
N SER F 26 6.42 -17.28 -22.00
CA SER F 26 7.06 -18.15 -21.03
C SER F 26 6.44 -18.01 -19.66
N SER F 27 6.32 -16.78 -19.15
CA SER F 27 5.70 -16.52 -17.87
C SER F 27 4.34 -15.87 -18.11
N SER F 28 3.53 -15.83 -17.07
CA SER F 28 2.16 -15.35 -17.20
C SER F 28 2.13 -13.84 -17.33
N VAL F 29 1.38 -13.34 -18.31
CA VAL F 29 1.23 -11.93 -18.52
C VAL F 29 -0.23 -11.55 -18.27
N SER F 30 -0.47 -10.27 -18.05
CA SER F 30 -1.83 -9.79 -17.91
C SER F 30 -2.47 -9.66 -19.28
N SER F 31 -3.80 -9.71 -19.30
CA SER F 31 -4.51 -9.65 -20.58
C SER F 31 -4.59 -8.23 -21.13
N SER F 32 -4.27 -7.23 -20.32
CA SER F 32 -4.36 -5.86 -20.77
C SER F 32 -3.08 -5.34 -21.42
N TYR F 33 -2.00 -6.10 -21.34
CA TYR F 33 -0.71 -5.65 -21.84
C TYR F 33 -0.23 -6.45 -23.05
N LEU F 34 -1.13 -7.15 -23.73
CA LEU F 34 -0.79 -7.91 -24.93
C LEU F 34 -1.31 -7.16 -26.15
N HIS F 35 -0.46 -6.98 -27.15
CA HIS F 35 -0.87 -6.30 -28.37
C HIS F 35 -0.39 -7.07 -29.58
N TRP F 36 -0.99 -6.75 -30.73
CA TRP F 36 -0.67 -7.40 -31.99
C TRP F 36 -0.37 -6.35 -33.04
N TYR F 37 0.75 -6.50 -33.75
CA TYR F 37 1.15 -5.54 -34.75
C TYR F 37 1.11 -6.19 -36.14
N GLN F 38 1.14 -5.35 -37.16
CA GLN F 38 1.16 -5.81 -38.54
C GLN F 38 2.18 -4.98 -39.32
N GLN F 39 3.09 -5.66 -40.01
CA GLN F 39 4.07 -5.00 -40.86
C GLN F 39 4.05 -5.65 -42.23
N LYS F 40 3.85 -4.84 -43.26
CA LYS F 40 3.87 -5.35 -44.62
C LYS F 40 5.32 -5.42 -45.12
N SER F 41 5.46 -5.64 -46.43
CA SER F 41 6.78 -5.84 -47.01
C SER F 41 7.48 -4.50 -47.17
N GLY F 42 8.47 -4.24 -46.31
CA GLY F 42 9.31 -3.07 -46.46
C GLY F 42 8.66 -1.76 -46.09
N ALA F 43 7.78 -1.75 -45.09
CA ALA F 43 7.13 -0.55 -44.63
C ALA F 43 7.16 -0.51 -43.12
N SER F 44 6.67 0.60 -42.56
CA SER F 44 6.63 0.75 -41.11
C SER F 44 5.55 -0.14 -40.52
N PRO F 45 5.74 -0.61 -39.29
CA PRO F 45 4.69 -1.39 -38.63
C PRO F 45 3.45 -0.57 -38.28
N LYS F 46 2.44 -1.24 -37.74
CA LYS F 46 1.16 -0.59 -37.48
C LYS F 46 0.44 -1.34 -36.38
N LEU F 47 -0.26 -0.59 -35.53
CA LEU F 47 -1.02 -1.22 -34.45
C LEU F 47 -2.29 -1.84 -35.00
N TRP F 48 -2.51 -3.10 -34.65
CA TRP F 48 -3.67 -3.83 -35.15
C TRP F 48 -4.64 -4.21 -34.05
N ILE F 49 -4.19 -4.93 -33.02
CA ILE F 49 -5.00 -5.28 -31.87
C ILE F 49 -4.29 -4.80 -30.62
N TYR F 50 -5.02 -4.11 -29.74
CA TYR F 50 -4.47 -3.70 -28.46
C TYR F 50 -5.30 -4.27 -27.33
N SER F 51 -4.62 -4.69 -26.25
CA SER F 51 -5.21 -5.29 -25.05
C SER F 51 -6.02 -6.55 -25.40
N THR F 52 -5.52 -7.31 -26.37
CA THR F 52 -5.82 -8.68 -26.78
C THR F 52 -7.24 -8.93 -27.26
N SER F 53 -8.14 -7.97 -27.18
CA SER F 53 -9.47 -8.15 -27.74
C SER F 53 -10.03 -6.91 -28.42
N ASN F 54 -9.37 -5.76 -28.35
CA ASN F 54 -9.94 -4.52 -28.84
C ASN F 54 -9.37 -4.21 -30.22
N LEU F 55 -10.26 -3.94 -31.16
CA LEU F 55 -9.85 -3.60 -32.51
C LEU F 55 -9.42 -2.14 -32.56
N ALA F 56 -8.33 -1.88 -33.28
CA ALA F 56 -7.76 -0.54 -33.36
C ALA F 56 -8.54 0.29 -34.38
N SER F 57 -7.97 1.42 -34.77
CA SER F 57 -8.60 2.27 -35.78
C SER F 57 -8.16 1.84 -37.16
N GLY F 58 -9.11 1.76 -38.08
CA GLY F 58 -8.82 1.41 -39.46
C GLY F 58 -8.76 -0.07 -39.76
N VAL F 59 -8.94 -0.93 -38.77
CA VAL F 59 -8.87 -2.37 -38.95
C VAL F 59 -10.26 -2.90 -39.30
N PRO F 60 -10.37 -3.83 -40.25
CA PRO F 60 -11.68 -4.45 -40.52
C PRO F 60 -12.12 -5.34 -39.38
N ALA F 61 -13.40 -5.70 -39.42
CA ALA F 61 -14.03 -6.44 -38.32
C ALA F 61 -13.85 -7.95 -38.43
N ARG F 62 -13.04 -8.44 -39.37
CA ARG F 62 -12.79 -9.86 -39.43
C ARG F 62 -11.79 -10.31 -38.38
N PHE F 63 -10.85 -9.45 -38.02
CA PHE F 63 -9.82 -9.79 -37.04
C PHE F 63 -10.43 -9.86 -35.65
N SER F 64 -10.03 -10.89 -34.90
CA SER F 64 -10.54 -11.09 -33.55
C SER F 64 -9.55 -11.92 -32.76
N GLY F 65 -9.00 -11.36 -31.70
CA GLY F 65 -8.07 -12.06 -30.85
C GLY F 65 -8.67 -12.43 -29.51
N SER F 66 -8.08 -13.41 -28.86
CA SER F 66 -8.56 -13.88 -27.57
C SER F 66 -7.41 -14.56 -26.83
N GLY F 67 -7.74 -15.26 -25.76
CA GLY F 67 -6.76 -15.96 -24.94
C GLY F 67 -6.57 -15.31 -23.59
N SER F 68 -6.01 -16.10 -22.68
CA SER F 68 -5.76 -15.62 -21.32
C SER F 68 -4.57 -16.39 -20.76
N GLY F 69 -3.92 -15.80 -19.76
CA GLY F 69 -2.81 -16.46 -19.11
C GLY F 69 -1.54 -16.45 -19.94
N THR F 70 -1.09 -17.63 -20.36
CA THR F 70 0.15 -17.77 -21.12
C THR F 70 -0.07 -18.23 -22.55
N SER F 71 -1.32 -18.27 -23.03
CA SER F 71 -1.63 -18.73 -24.38
C SER F 71 -2.61 -17.76 -25.01
N TYR F 72 -2.26 -17.22 -26.16
CA TYR F 72 -3.10 -16.24 -26.84
C TYR F 72 -3.16 -16.56 -28.33
N SER F 73 -4.18 -16.03 -28.99
CA SER F 73 -4.44 -16.39 -30.37
C SER F 73 -5.09 -15.22 -31.10
N LEU F 74 -4.85 -15.17 -32.41
CA LEU F 74 -5.47 -14.20 -33.29
C LEU F 74 -6.12 -14.94 -34.45
N THR F 75 -7.43 -14.72 -34.64
CA THR F 75 -8.23 -15.46 -35.60
C THR F 75 -8.83 -14.51 -36.62
N ILE F 76 -8.60 -14.78 -37.90
CA ILE F 76 -9.19 -14.03 -39.00
C ILE F 76 -10.25 -14.92 -39.62
N SER F 77 -11.41 -14.34 -39.94
CA SER F 77 -12.52 -15.12 -40.47
C SER F 77 -12.24 -15.59 -41.89
N SER F 78 -11.90 -14.66 -42.78
CA SER F 78 -11.61 -14.98 -44.18
C SER F 78 -10.34 -14.27 -44.60
N VAL F 79 -9.56 -14.91 -45.44
CA VAL F 79 -8.30 -14.36 -45.90
C VAL F 79 -8.55 -13.54 -47.16
N GLU F 80 -7.95 -12.37 -47.24
CA GLU F 80 -8.04 -11.53 -48.42
C GLU F 80 -6.66 -11.36 -49.05
N ALA F 81 -6.58 -10.47 -50.03
CA ALA F 81 -5.32 -10.19 -50.70
C ALA F 81 -4.55 -9.06 -50.07
N GLU F 82 -5.16 -8.30 -49.17
CA GLU F 82 -4.49 -7.15 -48.55
C GLU F 82 -3.84 -7.50 -47.23
N ASP F 83 -4.29 -8.55 -46.56
CA ASP F 83 -3.79 -8.90 -45.23
C ASP F 83 -2.74 -10.00 -45.27
N ALA F 84 -1.90 -10.01 -46.30
CA ALA F 84 -0.77 -10.93 -46.38
C ALA F 84 0.47 -10.17 -45.95
N ALA F 85 0.87 -10.37 -44.70
CA ALA F 85 1.97 -9.60 -44.13
C ALA F 85 2.55 -10.39 -42.95
N THR F 86 3.32 -9.72 -42.12
CA THR F 86 3.92 -10.31 -40.93
C THR F 86 3.23 -9.75 -39.70
N TYR F 87 2.99 -10.62 -38.71
CA TYR F 87 2.31 -10.23 -37.48
C TYR F 87 3.19 -10.54 -36.29
N TYR F 88 3.40 -9.54 -35.42
CA TYR F 88 4.14 -9.71 -34.18
C TYR F 88 3.20 -9.54 -33.00
N CYS F 89 3.56 -10.14 -31.86
CA CYS F 89 2.87 -9.92 -30.61
C CYS F 89 3.84 -9.30 -29.60
N GLN F 90 3.33 -8.38 -28.79
CA GLN F 90 4.10 -7.68 -27.79
C GLN F 90 3.52 -7.96 -26.41
N GLN F 91 4.39 -8.11 -25.41
CA GLN F 91 3.95 -8.26 -24.04
C GLN F 91 4.65 -7.21 -23.18
N PHE F 92 4.15 -7.07 -21.95
CA PHE F 92 4.85 -6.34 -20.91
C PHE F 92 4.43 -6.91 -19.57
N SER F 93 5.33 -7.61 -18.91
CA SER F 93 5.21 -7.89 -17.50
C SER F 93 6.23 -7.16 -16.66
N GLY F 94 7.46 -7.03 -17.17
CA GLY F 94 8.46 -6.17 -16.57
C GLY F 94 9.31 -5.62 -17.69
N TYR F 95 10.13 -4.64 -17.35
CA TYR F 95 11.03 -4.08 -18.34
C TYR F 95 12.11 -5.09 -18.69
N PRO F 96 12.46 -5.23 -19.98
CA PRO F 96 11.99 -4.46 -21.13
C PRO F 96 10.76 -5.02 -21.81
N LEU F 97 10.19 -4.24 -22.72
CA LEU F 97 9.13 -4.72 -23.60
C LEU F 97 9.78 -5.58 -24.68
N THR F 98 9.28 -6.79 -24.86
CA THR F 98 9.81 -7.67 -25.88
C THR F 98 8.76 -7.96 -26.95
N PHE F 99 9.24 -8.32 -28.13
CA PHE F 99 8.39 -8.72 -29.24
C PHE F 99 8.61 -10.18 -29.56
N GLY F 100 7.69 -10.74 -30.33
CA GLY F 100 7.80 -12.12 -30.74
C GLY F 100 8.77 -12.28 -31.89
N ALA F 101 8.89 -13.53 -32.36
CA ALA F 101 9.69 -13.81 -33.53
C ALA F 101 9.01 -13.30 -34.78
N GLY F 102 7.71 -13.55 -34.92
CA GLY F 102 6.97 -13.09 -36.07
C GLY F 102 6.31 -14.23 -36.83
N THR F 103 5.10 -14.01 -37.31
CA THR F 103 4.37 -15.00 -38.09
C THR F 103 4.13 -14.43 -39.48
N LYS F 104 4.71 -15.07 -40.49
CA LYS F 104 4.62 -14.58 -41.86
C LYS F 104 3.46 -15.28 -42.55
N LEU F 105 2.53 -14.50 -43.08
CA LEU F 105 1.32 -15.03 -43.70
C LEU F 105 1.46 -14.97 -45.21
N GLU F 106 1.30 -16.12 -45.86
CA GLU F 106 1.48 -16.23 -47.31
C GLU F 106 0.12 -16.42 -47.98
N LEU F 107 -0.13 -15.60 -49.00
CA LEU F 107 -1.31 -15.79 -49.84
C LEU F 107 -1.12 -17.02 -50.72
N LYS F 108 -2.22 -17.62 -51.13
CA LYS F 108 -2.17 -18.82 -51.95
C LYS F 108 -2.94 -18.67 -53.24
#